data_6XXN
#
_entry.id   6XXN
#
_cell.length_a   53.563
_cell.length_b   171.716
_cell.length_c   83.479
_cell.angle_alpha   90.00
_cell.angle_beta   91.81
_cell.angle_gamma   90.00
#
_symmetry.space_group_name_H-M   'P 1 21 1'
#
loop_
_entity.id
_entity.type
_entity.pdbx_description
1 polymer NB_7_a,b,c,f
2 polymer NB_7_g
3 polymer NB_7_h
4 non-polymer 'SULFATE ION'
5 water water
#
loop_
_entity_poly.entity_id
_entity_poly.type
_entity_poly.pdbx_seq_one_letter_code
_entity_poly.pdbx_strand_id
1 'polypeptide(L)'
;QVQLQESGGGSVQAGGSLRLSCTAPGYTDSNYYMSWFRQAPGKEREWVAGVNTGRGSTSYADSVKGRFTISQDNAKNTMF
LQMNSLKPEDTAIYYCAVAACHFCDSLPKTQDEYILWGQGTQVTVSSAAAYPYDVPDYGSHHHHHH
;
A,B,C,D,E,F
2 'polypeptide(L)'
;QVQLQESGGGSVTAGGSLRLSCTAPGYTDSNYYMSWFRQAPGKEREWVAGVNTGRGSTSYADSVKGRFTISQDNAKNTMF
LQMNSLKPEDTAIYYCAVAACHFCDSLPKTQDEYILWGQGTQVTVSSAAAYPYDVPDYGSHHHHHH
;
G
3 'polypeptide(L)'
;QVQLQESGGGSVQAGGSLRLSCTAPGYTDSNYYMSWFRQAPGKEREWVAGVNTGRGSTSYADSVKGRFTISQDNAKNTMF
LQMNSLKPEDTAQYYCAVAACHFCDSLPKTQDEYILWGQGTQVTVSSAAAYPYDVPDYGSHHHHHH
;
H
#
loop_
_chem_comp.id
_chem_comp.type
_chem_comp.name
_chem_comp.formula
SO4 non-polymer 'SULFATE ION' 'O4 S -2'
#
# COMPACT_ATOMS: atom_id res chain seq x y z
N GLN A 3 10.71 7.37 -28.04
CA GLN A 3 10.07 7.16 -26.75
C GLN A 3 9.43 5.76 -26.63
N LEU A 4 9.96 4.80 -27.37
CA LEU A 4 9.66 3.39 -27.15
C LEU A 4 10.46 2.88 -25.97
N GLN A 5 9.89 1.91 -25.26
CA GLN A 5 10.58 1.26 -24.17
C GLN A 5 11.17 -0.04 -24.72
N GLU A 6 12.49 -0.14 -24.71
CA GLU A 6 13.17 -1.35 -25.15
C GLU A 6 14.03 -1.88 -24.00
N SER A 7 14.10 -3.19 -23.87
CA SER A 7 14.90 -3.79 -22.81
C SER A 7 15.20 -5.21 -23.21
N GLY A 8 16.10 -5.87 -22.47
CA GLY A 8 16.43 -7.25 -22.71
C GLY A 8 17.82 -7.51 -23.26
N GLY A 9 18.36 -6.60 -24.05
CA GLY A 9 19.73 -6.72 -24.51
C GLY A 9 20.76 -7.01 -23.43
N GLY A 10 21.99 -7.19 -23.87
CA GLY A 10 23.12 -7.52 -23.04
C GLY A 10 24.01 -8.53 -23.75
N SER A 11 24.89 -9.18 -23.02
CA SER A 11 25.76 -10.17 -23.61
C SER A 11 25.39 -11.56 -23.09
N VAL A 12 25.56 -12.55 -23.95
CA VAL A 12 25.22 -13.92 -23.63
C VAL A 12 26.20 -14.80 -24.37
N GLN A 13 26.51 -15.97 -23.81
CA GLN A 13 27.37 -16.88 -24.53
C GLN A 13 26.65 -17.47 -25.74
N ALA A 14 27.42 -18.05 -26.64
CA ALA A 14 26.86 -18.65 -27.84
C ALA A 14 25.95 -19.82 -27.47
N GLY A 15 24.81 -19.92 -28.16
CA GLY A 15 23.80 -20.90 -27.84
C GLY A 15 22.81 -20.45 -26.78
N GLY A 16 23.10 -19.38 -26.06
CA GLY A 16 22.18 -18.88 -25.06
C GLY A 16 21.05 -18.06 -25.67
N SER A 17 20.31 -17.38 -24.79
CA SER A 17 19.09 -16.73 -25.20
C SER A 17 18.89 -15.38 -24.51
N LEU A 18 18.13 -14.54 -25.19
CA LEU A 18 17.66 -13.26 -24.66
C LEU A 18 16.24 -13.05 -25.11
N ARG A 19 15.56 -12.16 -24.40
CA ARG A 19 14.21 -11.73 -24.72
C ARG A 19 14.20 -10.22 -24.79
N LEU A 20 14.03 -9.68 -25.99
CA LEU A 20 13.90 -8.26 -26.18
C LEU A 20 12.45 -7.84 -25.99
N SER A 21 12.23 -6.75 -25.29
CA SER A 21 10.88 -6.26 -25.04
C SER A 21 10.74 -4.89 -25.70
N CYS A 22 9.57 -4.63 -26.26
CA CYS A 22 9.31 -3.33 -26.89
C CYS A 22 7.90 -2.88 -26.55
N THR A 23 7.77 -1.64 -26.09
CA THR A 23 6.50 -1.07 -25.67
C THR A 23 6.22 0.24 -26.37
N ALA A 24 5.00 0.38 -26.89
CA ALA A 24 4.56 1.60 -27.58
C ALA A 24 3.48 2.29 -26.77
N PRO A 25 3.80 3.35 -26.03
CA PRO A 25 2.84 3.90 -25.04
C PRO A 25 1.44 4.26 -25.56
N GLY A 26 1.31 4.85 -26.73
CA GLY A 26 -0.03 5.20 -27.17
C GLY A 26 -0.81 4.14 -27.92
N TYR A 27 -0.29 2.93 -28.09
CA TYR A 27 -0.84 2.00 -29.06
C TYR A 27 -1.78 0.96 -28.46
N THR A 28 -2.50 1.30 -27.38
CA THR A 28 -3.59 0.41 -26.98
C THR A 28 -4.82 0.59 -27.88
N ASP A 29 -5.09 1.81 -28.39
CA ASP A 29 -5.95 1.97 -29.55
C ASP A 29 -5.81 0.92 -30.62
N SER A 30 -4.79 1.18 -31.42
CA SER A 30 -4.78 0.95 -32.84
C SER A 30 -4.12 -0.37 -33.11
N ASN A 31 -4.34 -0.84 -34.31
CA ASN A 31 -3.47 -1.88 -34.77
C ASN A 31 -2.19 -1.24 -35.26
N TYR A 32 -1.13 -2.03 -35.29
CA TYR A 32 0.15 -1.44 -35.64
C TYR A 32 1.03 -2.54 -36.19
N TYR A 33 2.03 -2.11 -36.95
CA TYR A 33 3.18 -2.93 -37.27
C TYR A 33 4.24 -2.64 -36.24
N MET A 34 4.88 -3.69 -35.74
CA MET A 34 6.09 -3.51 -34.94
C MET A 34 7.10 -4.51 -35.46
N SER A 35 8.30 -4.03 -35.77
CA SER A 35 9.35 -4.88 -36.30
C SER A 35 10.63 -4.66 -35.51
N TRP A 36 11.51 -5.64 -35.59
CA TRP A 36 12.87 -5.49 -35.10
C TRP A 36 13.81 -5.42 -36.28
N PHE A 37 14.71 -4.43 -36.25
CA PHE A 37 15.82 -4.33 -37.18
C PHE A 37 17.12 -4.47 -36.40
N ARG A 38 18.18 -4.86 -37.10
CA ARG A 38 19.47 -4.93 -36.45
C ARG A 38 20.55 -4.38 -37.37
N GLN A 39 21.59 -3.84 -36.75
CA GLN A 39 22.72 -3.26 -37.47
C GLN A 39 23.98 -3.58 -36.69
N ALA A 40 24.90 -4.26 -37.32
CA ALA A 40 26.23 -4.43 -36.77
C ALA A 40 27.19 -3.43 -37.38
N PRO A 41 28.19 -2.99 -36.63
CA PRO A 41 29.12 -1.96 -37.13
C PRO A 41 29.76 -2.27 -38.49
N GLY A 42 29.19 -1.70 -39.54
CA GLY A 42 29.81 -1.76 -40.85
C GLY A 42 28.86 -2.24 -41.89
N LYS A 43 27.64 -2.56 -41.45
CA LYS A 43 26.67 -3.21 -42.30
C LYS A 43 25.41 -2.36 -42.30
N GLU A 44 24.51 -2.67 -43.25
CA GLU A 44 23.22 -1.99 -43.27
C GLU A 44 22.32 -2.52 -42.16
N ARG A 45 21.20 -1.83 -41.95
CA ARG A 45 20.25 -2.23 -40.91
C ARG A 45 19.18 -3.13 -41.54
N GLU A 46 19.23 -4.43 -41.22
CA GLU A 46 18.36 -5.44 -41.82
C GLU A 46 17.14 -5.70 -40.94
N TRP A 47 16.00 -5.92 -41.59
CA TRP A 47 14.80 -6.39 -40.92
C TRP A 47 15.00 -7.80 -40.39
N VAL A 48 14.60 -8.04 -39.14
CA VAL A 48 14.77 -9.34 -38.49
C VAL A 48 13.43 -10.09 -38.37
N ALA A 49 12.40 -9.41 -37.87
CA ALA A 49 11.13 -10.04 -37.54
C ALA A 49 10.15 -8.93 -37.26
N GLY A 50 8.87 -9.26 -37.39
CA GLY A 50 7.82 -8.27 -37.15
C GLY A 50 6.48 -8.92 -36.94
N VAL A 51 5.56 -8.14 -36.39
CA VAL A 51 4.20 -8.61 -36.11
C VAL A 51 3.22 -7.62 -36.68
N ASN A 52 2.15 -8.13 -37.30
CA ASN A 52 1.04 -7.33 -37.80
C ASN A 52 -0.14 -7.57 -36.86
N THR A 53 -0.35 -6.64 -35.92
CA THR A 53 -1.43 -6.80 -34.95
C THR A 53 -2.79 -6.76 -35.62
N GLY A 54 -2.90 -6.03 -36.74
CA GLY A 54 -4.17 -6.01 -37.47
C GLY A 54 -4.64 -7.40 -37.89
N ARG A 55 -3.73 -8.23 -38.40
CA ARG A 55 -4.10 -9.60 -38.78
C ARG A 55 -3.84 -10.60 -37.67
N GLY A 56 -2.67 -10.52 -37.05
CA GLY A 56 -2.34 -11.41 -35.96
C GLY A 56 -1.13 -12.23 -36.34
N SER A 57 -0.58 -11.92 -37.51
CA SER A 57 0.47 -12.73 -38.12
C SER A 57 1.84 -12.19 -37.75
N THR A 58 2.83 -13.08 -37.83
CA THR A 58 4.23 -12.72 -37.62
C THR A 58 5.06 -13.25 -38.78
N SER A 59 6.18 -12.58 -39.07
CA SER A 59 7.10 -13.02 -40.11
C SER A 59 8.54 -12.83 -39.64
N TYR A 60 9.44 -13.58 -40.26
CA TYR A 60 10.84 -13.65 -39.84
C TYR A 60 11.75 -13.67 -41.05
N ALA A 61 12.89 -13.03 -40.92
CA ALA A 61 13.95 -13.20 -41.90
C ALA A 61 14.48 -14.64 -41.84
N ASP A 62 14.92 -15.14 -43.00
CA ASP A 62 15.35 -16.54 -43.09
C ASP A 62 16.55 -16.84 -42.19
N SER A 63 17.41 -15.86 -41.90
CA SER A 63 18.58 -16.14 -41.06
C SER A 63 18.21 -16.39 -39.59
N VAL A 64 17.01 -16.01 -39.16
CA VAL A 64 16.58 -16.18 -37.78
C VAL A 64 15.40 -17.13 -37.65
N LYS A 65 14.89 -17.65 -38.76
CA LYS A 65 13.71 -18.50 -38.77
C LYS A 65 14.02 -19.84 -38.09
N GLY A 66 13.17 -20.23 -37.12
CA GLY A 66 13.41 -21.36 -36.26
C GLY A 66 14.12 -21.06 -34.96
N ARG A 67 14.79 -19.91 -34.83
CA ARG A 67 15.38 -19.55 -33.54
C ARG A 67 14.79 -18.32 -32.88
N PHE A 68 14.15 -17.41 -33.61
CA PHE A 68 13.52 -16.21 -33.05
C PHE A 68 12.01 -16.33 -33.19
N THR A 69 11.28 -16.00 -32.12
CA THR A 69 9.82 -15.95 -32.14
C THR A 69 9.34 -14.70 -31.44
N ILE A 70 8.31 -14.10 -31.98
CA ILE A 70 7.65 -12.99 -31.31
C ILE A 70 6.48 -13.54 -30.50
N SER A 71 6.29 -13.01 -29.31
CA SER A 71 5.12 -13.41 -28.55
C SER A 71 4.45 -12.13 -28.07
N GLN A 72 3.13 -12.14 -28.11
CA GLN A 72 2.36 -11.00 -27.65
C GLN A 72 2.38 -10.95 -26.14
N ASP A 73 1.92 -9.83 -25.61
CA ASP A 73 1.76 -9.71 -24.18
C ASP A 73 0.26 -9.60 -23.89
N ASN A 74 -0.10 -9.73 -22.62
CA ASN A 74 -1.46 -9.38 -22.20
C ASN A 74 -1.80 -7.95 -22.55
N ALA A 75 -0.88 -7.01 -22.27
CA ALA A 75 -1.04 -5.63 -22.70
C ALA A 75 -0.74 -5.54 -24.19
N LYS A 76 -1.63 -4.91 -24.93
CA LYS A 76 -1.59 -5.00 -26.37
C LYS A 76 -0.60 -4.04 -27.02
N ASN A 77 0.02 -3.12 -26.28
CA ASN A 77 1.02 -2.22 -26.84
C ASN A 77 2.45 -2.69 -26.63
N THR A 78 2.63 -3.94 -26.15
CA THR A 78 3.94 -4.51 -25.86
C THR A 78 4.12 -5.82 -26.63
N MET A 79 5.32 -6.06 -27.16
CA MET A 79 5.68 -7.35 -27.75
C MET A 79 7.06 -7.77 -27.31
N PHE A 80 7.34 -9.05 -27.42
CA PHE A 80 8.64 -9.61 -27.05
C PHE A 80 9.23 -10.34 -28.23
N LEU A 81 10.54 -10.30 -28.33
CA LEU A 81 11.27 -11.10 -29.31
C LEU A 81 12.14 -12.08 -28.53
N GLN A 82 11.80 -13.34 -28.60
CA GLN A 82 12.56 -14.38 -27.92
C GLN A 82 13.62 -14.91 -28.89
N MET A 83 14.88 -14.79 -28.50
CA MET A 83 16.02 -15.13 -29.37
C MET A 83 16.76 -16.31 -28.75
N ASN A 84 16.62 -17.49 -29.35
CA ASN A 84 17.32 -18.67 -28.87
C ASN A 84 18.46 -19.06 -29.81
N SER A 85 19.37 -19.87 -29.27
CA SER A 85 20.52 -20.41 -30.02
C SER A 85 21.29 -19.30 -30.71
N LEU A 86 21.61 -18.27 -29.94
CA LEU A 86 22.29 -17.13 -30.50
C LEU A 86 23.68 -17.56 -30.96
N LYS A 87 24.10 -16.98 -32.07
CA LYS A 87 25.39 -17.22 -32.67
C LYS A 87 26.14 -15.90 -32.70
N PRO A 88 27.45 -15.93 -32.76
CA PRO A 88 28.16 -14.66 -32.90
C PRO A 88 27.63 -13.77 -33.99
N GLU A 89 27.09 -14.26 -35.13
CA GLU A 89 26.92 -13.14 -36.04
C GLU A 89 25.55 -12.51 -35.81
N ASP A 90 24.89 -12.90 -34.70
CA ASP A 90 23.70 -12.18 -34.24
C ASP A 90 24.10 -10.99 -33.38
N THR A 91 25.39 -10.77 -33.17
CA THR A 91 25.84 -9.60 -32.42
C THR A 91 25.54 -8.33 -33.22
N ALA A 92 24.85 -7.37 -32.60
CA ALA A 92 24.44 -6.16 -33.29
C ALA A 92 23.68 -5.26 -32.33
N ILE A 93 23.42 -4.04 -32.77
CA ILE A 93 22.40 -3.24 -32.12
C ILE A 93 21.05 -3.60 -32.72
N TYR A 94 20.11 -4.01 -31.86
CA TYR A 94 18.75 -4.35 -32.24
C TYR A 94 17.84 -3.14 -32.01
N TYR A 95 17.04 -2.79 -33.01
CA TYR A 95 16.13 -1.65 -32.92
C TYR A 95 14.68 -2.10 -33.03
N CYS A 96 13.85 -1.62 -32.13
CA CYS A 96 12.39 -1.72 -32.27
C CYS A 96 11.85 -0.59 -33.12
N ALA A 97 10.85 -0.91 -33.93
CA ALA A 97 10.20 0.09 -34.78
C ALA A 97 8.71 -0.18 -34.89
N VAL A 98 7.92 0.90 -34.90
CA VAL A 98 6.46 0.82 -34.84
C VAL A 98 5.86 1.81 -35.84
N ALA A 99 4.75 1.42 -36.46
CA ALA A 99 3.97 2.31 -37.31
C ALA A 99 2.50 1.99 -37.11
N ALA A 100 1.71 3.02 -36.83
CA ALA A 100 0.26 2.86 -36.75
C ALA A 100 -0.25 2.30 -38.07
N CYS A 101 -1.34 1.56 -38.00
CA CYS A 101 -1.76 0.72 -39.10
C CYS A 101 -3.16 1.14 -39.54
N HIS A 102 -3.29 1.40 -40.84
CA HIS A 102 -4.50 1.77 -41.55
C HIS A 102 -5.14 0.51 -42.13
N PHE A 103 -4.57 -0.04 -43.21
CA PHE A 103 -5.18 -1.23 -43.80
C PHE A 103 -4.93 -2.48 -42.96
N CYS A 104 -3.75 -2.56 -42.34
CA CYS A 104 -3.23 -3.76 -41.66
C CYS A 104 -3.11 -4.91 -42.64
N ASP A 105 -2.61 -4.55 -43.82
CA ASP A 105 -2.53 -5.21 -45.10
C ASP A 105 -1.22 -5.98 -45.36
N SER A 106 -0.06 -5.52 -44.87
CA SER A 106 1.17 -6.29 -45.03
C SER A 106 2.24 -5.67 -44.15
N LEU A 107 2.98 -6.52 -43.45
CA LEU A 107 4.03 -6.03 -42.58
C LEU A 107 5.14 -5.48 -43.46
N PRO A 108 5.51 -4.21 -43.31
CA PRO A 108 6.57 -3.62 -44.14
C PRO A 108 7.95 -4.03 -43.66
N LYS A 109 8.86 -4.25 -44.60
CA LYS A 109 10.16 -4.84 -44.32
C LYS A 109 11.37 -3.95 -44.56
N THR A 110 11.17 -2.66 -44.78
CA THR A 110 12.27 -1.73 -44.97
C THR A 110 12.33 -0.83 -43.76
N GLN A 111 13.34 0.01 -43.71
CA GLN A 111 13.45 0.93 -42.58
C GLN A 111 12.39 2.05 -42.63
N ASP A 112 12.18 2.66 -43.81
CA ASP A 112 11.56 3.99 -43.93
C ASP A 112 10.04 4.03 -43.78
N GLU A 113 9.37 2.91 -43.71
CA GLU A 113 7.94 2.88 -43.47
C GLU A 113 7.57 2.79 -41.99
N TYR A 114 8.55 2.84 -41.07
CA TYR A 114 8.22 2.83 -39.65
C TYR A 114 8.39 4.23 -39.09
N ILE A 115 7.52 4.60 -38.17
CA ILE A 115 7.48 5.97 -37.67
C ILE A 115 8.26 6.14 -36.37
N LEU A 116 8.07 5.25 -35.39
CA LEU A 116 8.71 5.41 -34.08
C LEU A 116 9.85 4.42 -33.91
N TRP A 117 10.99 4.91 -33.39
CA TRP A 117 12.20 4.10 -33.19
C TRP A 117 12.73 4.31 -31.78
N GLY A 118 13.27 3.23 -31.18
CA GLY A 118 13.97 3.35 -29.92
C GLY A 118 15.43 3.75 -30.10
N GLN A 119 16.17 3.67 -28.98
CA GLN A 119 17.61 3.85 -29.03
C GLN A 119 18.25 2.67 -29.71
N GLY A 120 17.74 1.49 -29.41
CA GLY A 120 18.37 0.23 -29.68
C GLY A 120 18.94 -0.32 -28.38
N THR A 121 18.96 -1.65 -28.26
CA THR A 121 19.64 -2.36 -27.19
C THR A 121 20.81 -3.07 -27.87
N GLN A 122 21.96 -3.13 -27.20
CA GLN A 122 23.06 -3.88 -27.78
C GLN A 122 22.99 -5.34 -27.36
N VAL A 123 23.24 -6.24 -28.31
CA VAL A 123 23.32 -7.68 -28.10
C VAL A 123 24.71 -8.15 -28.52
N THR A 124 25.44 -8.76 -27.59
CA THR A 124 26.77 -9.28 -27.87
C THR A 124 26.79 -10.76 -27.57
N VAL A 125 27.11 -11.57 -28.58
CA VAL A 125 27.21 -13.01 -28.44
C VAL A 125 28.67 -13.40 -28.55
N SER A 126 29.20 -14.03 -27.51
CA SER A 126 30.59 -14.40 -27.45
C SER A 126 30.72 -15.92 -27.44
N SER A 127 31.75 -16.45 -28.10
CA SER A 127 32.05 -17.87 -27.96
C SER A 127 33.12 -18.09 -26.89
N GLN B 3 7.14 -40.11 -20.76
CA GLN B 3 8.16 -40.19 -21.79
C GLN B 3 8.41 -38.78 -22.39
N LEU B 4 7.55 -38.29 -23.28
CA LEU B 4 7.67 -36.89 -23.70
C LEU B 4 7.18 -35.95 -22.61
N GLN B 5 7.87 -34.83 -22.45
CA GLN B 5 7.51 -33.80 -21.49
C GLN B 5 6.84 -32.66 -22.23
N GLU B 6 5.58 -32.39 -21.92
CA GLU B 6 4.87 -31.28 -22.52
C GLU B 6 4.34 -30.36 -21.43
N SER B 7 4.29 -29.08 -21.76
CA SER B 7 3.88 -28.06 -20.82
C SER B 7 3.41 -26.85 -21.60
N GLY B 8 2.79 -25.88 -20.90
CA GLY B 8 2.35 -24.63 -21.49
C GLY B 8 0.85 -24.46 -21.61
N GLY B 9 0.10 -25.54 -21.85
CA GLY B 9 -1.35 -25.48 -21.88
C GLY B 9 -2.06 -24.67 -20.80
N GLY B 10 -3.37 -24.58 -20.89
CA GLY B 10 -4.17 -23.83 -19.95
C GLY B 10 -5.24 -23.03 -20.68
N SER B 11 -5.77 -22.02 -20.00
CA SER B 11 -6.85 -21.19 -20.52
C SER B 11 -6.37 -19.78 -20.83
N VAL B 12 -6.96 -19.19 -21.88
CA VAL B 12 -6.62 -17.85 -22.36
C VAL B 12 -7.89 -17.22 -22.87
N GLN B 13 -7.98 -15.90 -22.77
CA GLN B 13 -9.05 -15.20 -23.44
C GLN B 13 -8.79 -15.20 -24.94
N ALA B 14 -9.84 -15.05 -25.72
CA ALA B 14 -9.64 -14.87 -27.15
C ALA B 14 -8.63 -13.73 -27.38
N GLY B 15 -7.74 -13.93 -28.34
CA GLY B 15 -6.69 -12.97 -28.57
C GLY B 15 -5.43 -13.15 -27.75
N GLY B 16 -5.45 -14.03 -26.75
CA GLY B 16 -4.28 -14.27 -25.93
C GLY B 16 -3.28 -15.16 -26.63
N SER B 17 -2.29 -15.61 -25.86
CA SER B 17 -1.17 -16.36 -26.40
C SER B 17 -0.76 -17.41 -25.38
N LEU B 18 -0.12 -18.46 -25.89
CA LEU B 18 0.51 -19.48 -25.06
C LEU B 18 1.78 -19.95 -25.75
N ARG B 19 2.63 -20.61 -24.95
CA ARG B 19 3.83 -21.22 -25.50
C ARG B 19 3.85 -22.67 -25.06
N LEU B 20 3.62 -23.58 -25.99
CA LEU B 20 3.68 -25.01 -25.70
C LEU B 20 5.11 -25.50 -25.86
N SER B 21 5.55 -26.30 -24.89
CA SER B 21 6.92 -26.80 -24.88
C SER B 21 6.89 -28.32 -24.96
N CYS B 22 7.86 -28.88 -25.66
CA CYS B 22 7.92 -30.32 -25.84
C CYS B 22 9.36 -30.79 -25.77
N THR B 23 9.63 -31.82 -24.98
CA THR B 23 10.97 -32.34 -24.80
C THR B 23 10.97 -33.83 -25.06
N ALA B 24 11.93 -34.28 -25.86
CA ALA B 24 12.13 -35.69 -26.14
C ALA B 24 13.45 -36.11 -25.49
N PRO B 25 13.42 -36.71 -24.31
CA PRO B 25 14.64 -36.87 -23.50
C PRO B 25 15.86 -37.55 -24.15
N GLY B 26 15.70 -38.61 -24.92
CA GLY B 26 16.91 -39.24 -25.44
C GLY B 26 17.50 -38.65 -26.71
N TYR B 27 16.95 -37.55 -27.22
CA TYR B 27 17.22 -37.07 -28.57
C TYR B 27 18.20 -35.91 -28.65
N THR B 28 19.22 -35.84 -27.80
CA THR B 28 20.15 -34.72 -27.89
C THR B 28 21.04 -34.81 -29.14
N ASP B 29 21.34 -36.02 -29.62
CA ASP B 29 22.13 -36.25 -30.82
C ASP B 29 21.38 -36.64 -32.07
N SER B 30 20.18 -37.21 -31.98
CA SER B 30 19.65 -37.60 -33.28
C SER B 30 18.85 -36.44 -33.86
N ASN B 31 18.64 -36.52 -35.17
CA ASN B 31 17.67 -35.66 -35.80
C ASN B 31 16.29 -36.30 -35.68
N TYR B 32 15.26 -35.46 -35.74
CA TYR B 32 13.94 -36.01 -35.49
C TYR B 32 12.89 -35.11 -36.11
N TYR B 33 11.76 -35.70 -36.40
CA TYR B 33 10.58 -34.90 -36.70
C TYR B 33 9.85 -34.68 -35.39
N MET B 34 9.44 -33.46 -35.17
CA MET B 34 8.58 -33.20 -34.04
C MET B 34 7.42 -32.37 -34.55
N SER B 35 6.20 -32.82 -34.30
CA SER B 35 5.00 -32.14 -34.77
C SER B 35 4.01 -31.95 -33.61
N TRP B 36 3.14 -30.96 -33.79
CA TRP B 36 2.00 -30.80 -32.91
C TRP B 36 0.73 -31.19 -33.65
N PHE B 37 -0.05 -32.07 -33.05
CA PHE B 37 -1.39 -32.42 -33.48
C PHE B 37 -2.38 -31.89 -32.46
N ARG B 38 -3.61 -31.70 -32.89
CA ARG B 38 -4.64 -31.32 -31.94
C ARG B 38 -5.93 -32.07 -32.23
N GLN B 39 -6.71 -32.30 -31.18
CA GLN B 39 -7.97 -33.01 -31.25
C GLN B 39 -8.94 -32.37 -30.27
N ALA B 40 -10.06 -31.92 -30.77
CA ALA B 40 -11.11 -31.48 -29.89
C ALA B 40 -12.13 -32.59 -29.70
N PRO B 41 -12.76 -32.64 -28.52
CA PRO B 41 -13.70 -33.72 -28.18
C PRO B 41 -14.77 -33.97 -29.23
N GLY B 42 -14.55 -34.96 -30.10
CA GLY B 42 -15.57 -35.37 -31.05
C GLY B 42 -15.10 -35.31 -32.49
N LYS B 43 -13.85 -34.90 -32.69
CA LYS B 43 -13.33 -34.59 -34.01
C LYS B 43 -12.05 -35.40 -34.20
N GLU B 44 -11.58 -35.45 -35.44
CA GLU B 44 -10.36 -36.19 -35.69
C GLU B 44 -9.17 -35.39 -35.19
N ARG B 45 -8.01 -36.02 -35.12
CA ARG B 45 -6.80 -35.36 -34.64
C ARG B 45 -6.02 -34.84 -35.85
N GLU B 46 -5.99 -33.50 -36.00
CA GLU B 46 -5.40 -32.78 -37.12
C GLU B 46 -3.95 -32.37 -36.83
N TRP B 47 -3.12 -32.46 -37.88
CA TRP B 47 -1.76 -31.91 -37.84
C TRP B 47 -1.80 -30.39 -37.79
N VAL B 48 -1.01 -29.80 -36.90
CA VAL B 48 -0.97 -28.35 -36.74
C VAL B 48 0.31 -27.76 -37.33
N ALA B 49 1.47 -28.28 -36.93
CA ALA B 49 2.74 -27.68 -37.25
C ALA B 49 3.84 -28.66 -36.85
N GLY B 50 5.01 -28.51 -37.48
CA GLY B 50 6.10 -29.43 -37.22
C GLY B 50 7.44 -28.85 -37.63
N VAL B 51 8.49 -29.48 -37.12
CA VAL B 51 9.85 -29.08 -37.43
C VAL B 51 10.62 -30.33 -37.85
N ASN B 52 11.48 -30.17 -38.86
CA ASN B 52 12.38 -31.20 -39.34
C ASN B 52 13.76 -30.81 -38.86
N THR B 53 14.22 -31.45 -37.79
CA THR B 53 15.51 -31.10 -37.19
C THR B 53 16.67 -31.34 -38.15
N GLY B 54 16.55 -32.32 -39.03
CA GLY B 54 17.64 -32.58 -39.97
C GLY B 54 17.97 -31.40 -40.88
N ARG B 55 16.94 -30.76 -41.43
CA ARG B 55 17.18 -29.71 -42.43
C ARG B 55 17.17 -28.32 -41.81
N GLY B 56 16.22 -28.06 -40.92
CA GLY B 56 16.18 -26.78 -40.26
C GLY B 56 14.86 -26.12 -40.55
N SER B 57 13.97 -26.88 -41.18
CA SER B 57 12.73 -26.37 -41.73
C SER B 57 11.54 -26.58 -40.79
N THR B 58 10.57 -25.70 -40.92
CA THR B 58 9.32 -25.74 -40.17
C THR B 58 8.17 -25.73 -41.17
N SER B 59 7.03 -26.31 -40.77
CA SER B 59 5.84 -26.30 -41.61
C SER B 59 4.61 -26.05 -40.74
N TYR B 60 3.56 -25.55 -41.39
CA TYR B 60 2.38 -25.13 -40.68
C TYR B 60 1.13 -25.49 -41.46
N ALA B 61 0.09 -25.88 -40.74
CA ALA B 61 -1.23 -25.99 -41.35
C ALA B 61 -1.72 -24.59 -41.74
N ASP B 62 -2.49 -24.52 -42.84
CA ASP B 62 -2.91 -23.23 -43.35
C ASP B 62 -3.76 -22.45 -42.34
N SER B 63 -4.47 -23.13 -41.45
CA SER B 63 -5.28 -22.46 -40.44
C SER B 63 -4.44 -21.78 -39.36
N VAL B 64 -3.17 -22.16 -39.22
CA VAL B 64 -2.33 -21.58 -38.19
C VAL B 64 -1.21 -20.76 -38.78
N LYS B 65 -1.15 -20.61 -40.10
CA LYS B 65 0.03 -19.99 -40.70
C LYS B 65 0.09 -18.52 -40.28
N GLY B 66 1.25 -18.08 -39.80
CA GLY B 66 1.38 -16.71 -39.36
C GLY B 66 1.04 -16.45 -37.91
N ARG B 67 0.31 -17.35 -37.23
CA ARG B 67 0.06 -17.14 -35.81
C ARG B 67 0.77 -18.13 -34.93
N PHE B 68 1.18 -19.27 -35.46
CA PHE B 68 1.93 -20.26 -34.71
C PHE B 68 3.34 -20.24 -35.27
N THR B 69 4.33 -20.23 -34.37
CA THR B 69 5.72 -20.31 -34.76
C THR B 69 6.41 -21.36 -33.91
N ILE B 70 7.24 -22.17 -34.55
CA ILE B 70 8.06 -23.15 -33.86
C ILE B 70 9.44 -22.57 -33.62
N SER B 71 9.99 -22.81 -32.45
CA SER B 71 11.34 -22.36 -32.18
C SER B 71 12.10 -23.46 -31.45
N GLN B 72 13.39 -23.55 -31.72
CA GLN B 72 14.21 -24.42 -30.91
C GLN B 72 14.55 -23.72 -29.59
N ASP B 73 15.11 -24.50 -28.67
CA ASP B 73 15.58 -24.07 -27.36
C ASP B 73 17.09 -24.24 -27.33
N ASN B 74 17.69 -23.79 -26.23
CA ASN B 74 19.07 -24.11 -25.94
C ASN B 74 19.29 -25.63 -26.02
N ALA B 75 18.42 -26.42 -25.39
CA ALA B 75 18.52 -27.87 -25.48
C ALA B 75 18.07 -28.35 -26.85
N LYS B 76 18.88 -29.22 -27.49
CA LYS B 76 18.50 -29.62 -28.83
C LYS B 76 17.33 -30.59 -28.87
N ASN B 77 16.96 -31.19 -27.74
CA ASN B 77 15.85 -32.13 -27.71
C ASN B 77 14.53 -31.46 -27.29
N THR B 78 14.49 -30.13 -27.17
CA THR B 78 13.28 -29.43 -26.78
C THR B 78 12.91 -28.43 -27.87
N MET B 79 11.61 -28.33 -28.16
CA MET B 79 11.09 -27.33 -29.07
C MET B 79 9.89 -26.66 -28.44
N PHE B 80 9.58 -25.46 -28.94
CA PHE B 80 8.47 -24.64 -28.50
C PHE B 80 7.55 -24.35 -29.66
N LEU B 81 6.27 -24.26 -29.34
CA LEU B 81 5.25 -23.78 -30.26
C LEU B 81 4.65 -22.52 -29.65
N GLN B 82 4.94 -21.38 -30.26
CA GLN B 82 4.38 -20.13 -29.80
C GLN B 82 3.05 -19.89 -30.51
N MET B 83 1.99 -19.74 -29.73
CA MET B 83 0.66 -19.58 -30.28
C MET B 83 0.20 -18.17 -29.96
N ASN B 84 0.12 -17.34 -30.98
CA ASN B 84 -0.39 -15.98 -30.84
C ASN B 84 -1.80 -15.90 -31.43
N SER B 85 -2.51 -14.86 -31.02
CA SER B 85 -3.85 -14.57 -31.55
C SER B 85 -4.75 -15.79 -31.48
N LEU B 86 -4.77 -16.38 -30.30
CA LEU B 86 -5.63 -17.53 -30.11
C LEU B 86 -7.09 -17.09 -30.23
N LYS B 87 -7.90 -17.99 -30.71
CA LYS B 87 -9.21 -17.81 -31.29
C LYS B 87 -10.01 -19.01 -30.87
N PRO B 88 -11.34 -18.97 -30.67
CA PRO B 88 -12.06 -20.11 -30.07
C PRO B 88 -11.97 -21.46 -30.74
N GLU B 89 -11.96 -21.54 -32.07
CA GLU B 89 -11.52 -22.68 -32.87
C GLU B 89 -10.27 -23.41 -32.36
N ASP B 90 -9.38 -22.72 -31.60
CA ASP B 90 -8.10 -23.34 -31.27
C ASP B 90 -8.18 -24.20 -30.03
N THR B 91 -9.36 -24.25 -29.41
CA THR B 91 -9.57 -25.09 -28.25
C THR B 91 -9.50 -26.55 -28.67
N ALA B 92 -8.65 -27.30 -27.99
CA ALA B 92 -8.40 -28.70 -28.29
C ALA B 92 -7.38 -29.16 -27.26
N ILE B 93 -7.23 -30.48 -27.18
CA ILE B 93 -6.04 -31.08 -26.59
C ILE B 93 -4.93 -31.09 -27.64
N TYR B 94 -3.75 -30.59 -27.26
CA TYR B 94 -2.60 -30.50 -28.17
C TYR B 94 -1.60 -31.58 -27.82
N TYR B 95 -1.17 -32.34 -28.83
CA TYR B 95 -0.24 -33.45 -28.63
C TYR B 95 1.07 -33.21 -29.35
N CYS B 96 2.16 -33.41 -28.62
CA CYS B 96 3.48 -33.50 -29.23
C CYS B 96 3.73 -34.92 -29.74
N ALA B 97 4.37 -35.03 -30.91
CA ALA B 97 4.71 -36.31 -31.49
C ALA B 97 6.09 -36.21 -32.13
N VAL B 98 6.88 -37.27 -31.98
CA VAL B 98 8.29 -37.27 -32.33
C VAL B 98 8.59 -38.56 -33.07
N ALA B 99 9.49 -38.47 -34.06
CA ALA B 99 10.00 -39.63 -34.76
C ALA B 99 11.46 -39.39 -35.11
N ALA B 100 12.33 -40.31 -34.68
CA ALA B 100 13.74 -40.21 -35.06
C ALA B 100 13.87 -40.19 -36.57
N CYS B 101 14.89 -39.49 -37.02
CA CYS B 101 15.07 -39.15 -38.41
C CYS B 101 16.51 -39.45 -38.79
N HIS B 102 16.72 -40.12 -39.94
CA HIS B 102 18.07 -40.28 -40.47
C HIS B 102 18.31 -39.35 -41.67
N PHE B 103 17.69 -39.66 -42.81
CA PHE B 103 17.85 -38.88 -44.02
C PHE B 103 17.02 -37.60 -43.99
N CYS B 104 15.93 -37.57 -43.22
CA CYS B 104 15.23 -36.32 -42.90
C CYS B 104 14.68 -35.64 -44.15
N ASP B 105 13.98 -36.42 -44.98
CA ASP B 105 13.61 -35.95 -46.32
C ASP B 105 12.32 -35.14 -46.34
N SER B 106 11.39 -35.39 -45.44
CA SER B 106 10.10 -34.70 -45.49
C SER B 106 9.40 -34.82 -44.15
N LEU B 107 8.86 -33.72 -43.65
CA LEU B 107 8.19 -33.77 -42.38
C LEU B 107 6.87 -34.52 -42.55
N PRO B 108 6.63 -35.57 -41.80
CA PRO B 108 5.35 -36.27 -41.93
C PRO B 108 4.23 -35.48 -41.29
N LYS B 109 3.10 -35.47 -41.99
CA LYS B 109 1.91 -34.77 -41.55
C LYS B 109 0.80 -35.75 -41.24
N THR B 110 1.14 -37.03 -41.10
CA THR B 110 0.20 -38.09 -40.77
C THR B 110 0.52 -38.61 -39.37
N GLN B 111 -0.53 -39.08 -38.69
CA GLN B 111 -0.37 -39.58 -37.32
C GLN B 111 0.51 -40.80 -37.31
N ASP B 112 0.39 -41.61 -38.34
CA ASP B 112 0.88 -42.97 -38.36
C ASP B 112 2.39 -43.04 -38.48
N GLU B 113 3.06 -41.93 -38.77
CA GLU B 113 4.51 -41.88 -38.95
C GLU B 113 5.25 -41.43 -37.69
N TYR B 114 4.55 -41.15 -36.59
CA TYR B 114 5.24 -40.74 -35.38
C TYR B 114 5.24 -41.88 -34.38
N ILE B 115 6.37 -42.09 -33.71
CA ILE B 115 6.54 -43.23 -32.81
C ILE B 115 6.28 -42.85 -31.35
N LEU B 116 6.72 -41.67 -30.90
CA LEU B 116 6.52 -41.23 -29.52
C LEU B 116 5.41 -40.20 -29.43
N TRP B 117 4.54 -40.35 -28.43
CA TRP B 117 3.44 -39.41 -28.22
C TRP B 117 3.45 -38.97 -26.76
N GLY B 118 2.66 -37.92 -26.46
CA GLY B 118 2.48 -37.49 -25.08
C GLY B 118 1.06 -37.65 -24.59
N GLN B 119 0.73 -37.15 -23.38
CA GLN B 119 -0.64 -37.21 -22.90
C GLN B 119 -1.46 -36.13 -23.52
N GLY B 120 -0.81 -35.02 -23.84
CA GLY B 120 -1.54 -33.88 -24.31
C GLY B 120 -1.66 -32.85 -23.19
N THR B 121 -1.71 -31.58 -23.57
CA THR B 121 -2.06 -30.49 -22.69
C THR B 121 -3.36 -29.92 -23.26
N GLN B 122 -4.30 -29.53 -22.40
CA GLN B 122 -5.52 -28.93 -22.90
C GLN B 122 -5.35 -27.42 -23.04
N VAL B 123 -5.90 -26.89 -24.13
CA VAL B 123 -5.91 -25.46 -24.42
C VAL B 123 -7.36 -25.03 -24.53
N THR B 124 -7.76 -24.06 -23.71
CA THR B 124 -9.11 -23.52 -23.79
C THR B 124 -9.05 -22.02 -24.00
N VAL B 125 -9.67 -21.57 -25.09
CA VAL B 125 -9.78 -20.16 -25.42
C VAL B 125 -11.24 -19.76 -25.21
N SER B 126 -11.43 -18.64 -24.52
CA SER B 126 -12.73 -18.16 -24.09
C SER B 126 -13.18 -16.98 -24.94
N SER B 127 -14.49 -16.89 -25.18
CA SER B 127 -15.04 -15.71 -25.83
C SER B 127 -15.57 -14.72 -24.79
N GLN C 3 -13.42 -18.21 -13.13
CA GLN C 3 -13.14 -16.96 -13.81
C GLN C 3 -11.66 -16.60 -13.91
N LEU C 4 -10.81 -17.16 -13.05
CA LEU C 4 -9.38 -16.96 -13.25
C LEU C 4 -8.89 -17.82 -14.38
N GLN C 5 -7.98 -17.28 -15.17
CA GLN C 5 -7.34 -18.06 -16.22
C GLN C 5 -5.92 -18.41 -15.81
N GLU C 6 -5.64 -19.69 -15.73
CA GLU C 6 -4.31 -20.18 -15.43
C GLU C 6 -3.82 -20.97 -16.62
N SER C 7 -2.51 -20.94 -16.80
CA SER C 7 -1.86 -21.66 -17.89
C SER C 7 -0.40 -21.80 -17.51
N GLY C 8 0.29 -22.69 -18.23
CA GLY C 8 1.70 -22.88 -18.07
C GLY C 8 2.13 -24.13 -17.33
N GLY C 9 1.18 -24.96 -16.88
CA GLY C 9 1.51 -26.22 -16.26
C GLY C 9 1.88 -27.29 -17.27
N GLY C 10 2.13 -28.50 -16.74
CA GLY C 10 2.55 -29.65 -17.50
C GLY C 10 3.61 -30.42 -16.75
N SER C 11 4.35 -31.24 -17.49
CA SER C 11 5.39 -32.06 -16.91
C SER C 11 6.79 -31.61 -17.36
N VAL C 12 7.75 -31.77 -16.45
CA VAL C 12 9.14 -31.40 -16.69
C VAL C 12 10.04 -32.38 -15.96
N GLN C 13 11.23 -32.60 -16.50
CA GLN C 13 12.23 -33.33 -15.74
C GLN C 13 12.78 -32.46 -14.62
N ALA C 14 13.13 -33.11 -13.51
CA ALA C 14 13.86 -32.49 -12.41
C ALA C 14 14.94 -31.54 -12.92
N GLY C 15 15.07 -30.38 -12.26
CA GLY C 15 15.97 -29.33 -12.67
C GLY C 15 15.42 -28.37 -13.71
N GLY C 16 14.29 -28.70 -14.35
CA GLY C 16 13.68 -27.86 -15.34
C GLY C 16 12.84 -26.74 -14.73
N SER C 17 12.09 -26.07 -15.61
CA SER C 17 11.39 -24.85 -15.24
C SER C 17 10.05 -24.73 -15.95
N LEU C 18 9.13 -24.01 -15.31
CA LEU C 18 7.84 -23.65 -15.89
C LEU C 18 7.50 -22.23 -15.51
N ARG C 19 6.56 -21.66 -16.26
CA ARG C 19 6.06 -20.32 -15.98
C ARG C 19 4.55 -20.44 -15.91
N LEU C 20 4.02 -20.33 -14.70
CA LEU C 20 2.59 -20.34 -14.47
C LEU C 20 2.06 -18.93 -14.67
N SER C 21 0.91 -18.82 -15.30
CA SER C 21 0.30 -17.52 -15.51
C SER C 21 -1.07 -17.47 -14.85
N CYS C 22 -1.43 -16.32 -14.33
CA CYS C 22 -2.74 -16.19 -13.72
C CYS C 22 -3.29 -14.82 -14.07
N THR C 23 -4.54 -14.80 -14.54
CA THR C 23 -5.22 -13.57 -14.92
C THR C 23 -6.55 -13.45 -14.20
N ALA C 24 -6.79 -12.28 -13.61
CA ALA C 24 -8.04 -11.98 -12.91
C ALA C 24 -8.82 -10.97 -13.74
N PRO C 25 -9.83 -11.41 -14.50
CA PRO C 25 -10.45 -10.53 -15.51
C PRO C 25 -10.97 -9.19 -15.01
N GLY C 26 -11.60 -9.12 -13.85
CA GLY C 26 -12.11 -7.78 -13.56
C GLY C 26 -11.17 -6.81 -12.85
N TYR C 27 -9.94 -7.21 -12.54
CA TYR C 27 -9.11 -6.51 -11.57
C TYR C 27 -8.10 -5.55 -12.19
N THR C 28 -8.43 -4.95 -13.33
CA THR C 28 -7.47 -4.04 -13.94
C THR C 28 -7.30 -2.77 -13.12
N ASP C 29 -8.31 -2.34 -12.35
CA ASP C 29 -8.26 -1.12 -11.55
C ASP C 29 -8.09 -1.31 -10.05
N SER C 30 -8.47 -2.43 -9.45
CA SER C 30 -8.30 -2.40 -8.00
C SER C 30 -6.92 -2.97 -7.65
N ASN C 31 -6.52 -2.73 -6.41
CA ASN C 31 -5.40 -3.47 -5.87
C ASN C 31 -5.89 -4.81 -5.37
N TYR C 32 -4.98 -5.77 -5.31
CA TYR C 32 -5.39 -7.11 -4.94
C TYR C 32 -4.19 -7.89 -4.43
N TYR C 33 -4.50 -8.91 -3.65
CA TYR C 33 -3.56 -9.95 -3.34
C TYR C 33 -3.75 -11.07 -4.34
N MET C 34 -2.65 -11.59 -4.86
CA MET C 34 -2.75 -12.82 -5.64
C MET C 34 -1.68 -13.77 -5.13
N SER C 35 -2.09 -14.99 -4.79
CA SER C 35 -1.19 -15.98 -4.26
C SER C 35 -1.31 -17.29 -5.03
N TRP C 36 -0.24 -18.08 -5.01
CA TRP C 36 -0.28 -19.43 -5.50
C TRP C 36 -0.27 -20.40 -4.32
N PHE C 37 -1.19 -21.36 -4.34
CA PHE C 37 -1.17 -22.46 -3.39
C PHE C 37 -0.94 -23.75 -4.15
N ARG C 38 -0.45 -24.75 -3.44
CA ARG C 38 -0.30 -26.03 -4.09
C ARG C 38 -0.83 -27.14 -3.17
N GLN C 39 -1.33 -28.20 -3.79
CA GLN C 39 -1.85 -29.35 -3.08
C GLN C 39 -1.51 -30.60 -3.89
N ALA C 40 -0.80 -31.52 -3.27
CA ALA C 40 -0.55 -32.84 -3.81
C ALA C 40 -1.55 -33.84 -3.24
N PRO C 41 -1.89 -34.91 -4.00
CA PRO C 41 -2.88 -35.89 -3.55
C PRO C 41 -2.57 -36.40 -2.16
N GLY C 42 -3.19 -35.81 -1.16
CA GLY C 42 -3.08 -36.33 0.18
C GLY C 42 -2.63 -35.35 1.23
N LYS C 43 -2.32 -34.11 0.86
CA LYS C 43 -1.74 -33.18 1.81
C LYS C 43 -2.55 -31.89 1.80
N GLU C 44 -2.20 -31.02 2.73
CA GLU C 44 -2.85 -29.72 2.85
C GLU C 44 -2.63 -28.94 1.57
N ARG C 45 -3.35 -27.85 1.43
CA ARG C 45 -3.13 -26.95 0.32
C ARG C 45 -2.24 -25.86 0.92
N GLU C 46 -0.95 -25.86 0.58
CA GLU C 46 0.00 -24.95 1.23
C GLU C 46 0.17 -23.67 0.41
N TRP C 47 0.34 -22.54 1.11
CA TRP C 47 0.76 -21.30 0.45
C TRP C 47 2.20 -21.39 -0.07
N VAL C 48 2.41 -20.98 -1.32
CA VAL C 48 3.71 -21.00 -1.99
C VAL C 48 4.31 -19.60 -2.14
N ALA C 49 3.56 -18.68 -2.75
CA ALA C 49 4.09 -17.37 -3.10
C ALA C 49 2.94 -16.46 -3.45
N GLY C 50 3.17 -15.16 -3.32
CA GLY C 50 2.12 -14.20 -3.60
C GLY C 50 2.63 -12.81 -3.82
N VAL C 51 1.76 -12.00 -4.40
CA VAL C 51 2.06 -10.62 -4.73
C VAL C 51 0.99 -9.72 -4.14
N ASN C 52 1.42 -8.60 -3.58
CA ASN C 52 0.60 -7.55 -3.02
C ASN C 52 0.66 -6.38 -4.00
N THR C 53 -0.41 -6.21 -4.77
CA THR C 53 -0.44 -5.20 -5.81
C THR C 53 -0.36 -3.78 -5.26
N GLY C 54 -1.00 -3.50 -4.12
CA GLY C 54 -0.95 -2.16 -3.55
C GLY C 54 0.46 -1.71 -3.20
N ARG C 55 1.23 -2.58 -2.57
CA ARG C 55 2.58 -2.21 -2.18
C ARG C 55 3.64 -2.62 -3.21
N GLY C 56 3.29 -3.46 -4.19
CA GLY C 56 4.26 -3.84 -5.18
C GLY C 56 5.20 -4.95 -4.76
N SER C 57 4.93 -5.60 -3.62
CA SER C 57 5.81 -6.59 -3.02
C SER C 57 5.38 -8.03 -3.34
N THR C 58 6.35 -8.95 -3.26
CA THR C 58 6.14 -10.38 -3.41
C THR C 58 6.71 -11.10 -2.20
N SER C 59 6.16 -12.27 -1.89
CA SER C 59 6.61 -13.08 -0.77
C SER C 59 6.64 -14.55 -1.17
N TYR C 60 7.45 -15.33 -0.46
CA TYR C 60 7.69 -16.71 -0.82
C TYR C 60 7.75 -17.58 0.43
N ALA C 61 7.22 -18.80 0.31
CA ALA C 61 7.45 -19.84 1.31
C ALA C 61 8.91 -20.27 1.31
N ASP C 62 9.40 -20.69 2.49
CA ASP C 62 10.81 -21.08 2.62
C ASP C 62 11.20 -22.23 1.70
N SER C 63 10.26 -23.12 1.33
CA SER C 63 10.60 -24.23 0.45
C SER C 63 10.88 -23.78 -0.98
N VAL C 64 10.45 -22.59 -1.36
CA VAL C 64 10.57 -22.12 -2.73
C VAL C 64 11.50 -20.90 -2.85
N LYS C 65 12.05 -20.40 -1.73
CA LYS C 65 12.88 -19.19 -1.77
C LYS C 65 14.15 -19.44 -2.58
N GLY C 66 14.42 -18.57 -3.55
CA GLY C 66 15.56 -18.72 -4.41
C GLY C 66 15.31 -19.50 -5.69
N ARG C 67 14.22 -20.27 -5.77
CA ARG C 67 13.93 -20.95 -7.03
C ARG C 67 12.65 -20.48 -7.70
N PHE C 68 11.72 -19.87 -6.98
CA PHE C 68 10.50 -19.34 -7.55
C PHE C 68 10.53 -17.83 -7.47
N THR C 69 10.20 -17.14 -8.57
CA THR C 69 10.03 -15.69 -8.56
C THR C 69 8.72 -15.28 -9.22
N ILE C 70 8.02 -14.35 -8.61
CA ILE C 70 6.84 -13.78 -9.23
C ILE C 70 7.26 -12.59 -10.06
N SER C 71 6.66 -12.49 -11.24
CA SER C 71 6.97 -11.40 -12.15
C SER C 71 5.67 -10.71 -12.53
N GLN C 72 5.70 -9.38 -12.54
CA GLN C 72 4.51 -8.70 -12.97
C GLN C 72 4.43 -8.70 -14.49
N ASP C 73 3.25 -8.34 -14.97
CA ASP C 73 3.10 -8.14 -16.40
C ASP C 73 2.83 -6.67 -16.66
N ASN C 74 3.00 -6.27 -17.91
CA ASN C 74 2.51 -4.97 -18.33
C ASN C 74 1.04 -4.79 -18.04
N ALA C 75 0.23 -5.83 -18.27
CA ALA C 75 -1.16 -5.77 -17.88
C ALA C 75 -1.27 -5.97 -16.36
N LYS C 76 -2.01 -5.08 -15.71
CA LYS C 76 -1.99 -5.06 -14.26
C LYS C 76 -2.80 -6.18 -13.63
N ASN C 77 -3.61 -6.88 -14.43
CA ASN C 77 -4.45 -7.96 -13.93
C ASN C 77 -3.82 -9.34 -14.13
N THR C 78 -2.58 -9.41 -14.56
CA THR C 78 -1.92 -10.66 -14.85
C THR C 78 -0.63 -10.77 -14.06
N MET C 79 -0.34 -11.96 -13.55
CA MET C 79 0.96 -12.24 -12.96
C MET C 79 1.46 -13.60 -13.44
N PHE C 80 2.76 -13.77 -13.34
CA PHE C 80 3.44 -15.00 -13.72
C PHE C 80 4.24 -15.49 -12.54
N LEU C 81 4.33 -16.83 -12.40
CA LEU C 81 5.14 -17.47 -11.38
C LEU C 81 6.23 -18.25 -12.11
N GLN C 82 7.45 -17.80 -11.99
CA GLN C 82 8.57 -18.47 -12.63
C GLN C 82 9.10 -19.51 -11.66
N MET C 83 9.09 -20.78 -12.07
CA MET C 83 9.52 -21.89 -11.22
C MET C 83 10.76 -22.50 -11.85
N ASN C 84 11.92 -22.25 -11.27
CA ASN C 84 13.17 -22.84 -11.73
C ASN C 84 13.63 -23.92 -10.76
N SER C 85 14.50 -24.78 -11.27
CA SER C 85 15.10 -25.85 -10.50
C SER C 85 14.03 -26.69 -9.80
N LEU C 86 13.02 -27.06 -10.57
CA LEU C 86 11.96 -27.86 -9.98
C LEU C 86 12.55 -29.22 -9.61
N LYS C 87 12.04 -29.76 -8.52
CA LYS C 87 12.34 -31.05 -7.90
C LYS C 87 11.05 -31.86 -7.71
N PRO C 88 11.13 -33.18 -7.53
CA PRO C 88 9.88 -33.99 -7.43
C PRO C 88 8.83 -33.57 -6.39
N GLU C 89 9.23 -33.16 -5.19
CA GLU C 89 8.41 -32.54 -4.13
C GLU C 89 7.47 -31.44 -4.65
N ASP C 90 7.83 -30.80 -5.77
CA ASP C 90 7.07 -29.67 -6.29
C ASP C 90 5.88 -30.16 -7.11
N THR C 91 5.77 -31.46 -7.29
CA THR C 91 4.63 -32.01 -7.97
C THR C 91 3.40 -31.82 -7.11
N ALA C 92 2.39 -31.20 -7.69
CA ALA C 92 1.16 -30.83 -7.02
C ALA C 92 0.27 -30.16 -8.06
N ILE C 93 -1.01 -30.01 -7.72
CA ILE C 93 -1.88 -29.10 -8.42
C ILE C 93 -1.64 -27.71 -7.85
N TYR C 94 -1.30 -26.75 -8.72
CA TYR C 94 -1.06 -25.37 -8.32
C TYR C 94 -2.32 -24.54 -8.56
N TYR C 95 -2.76 -23.82 -7.55
CA TYR C 95 -3.96 -23.00 -7.64
C TYR C 95 -3.60 -21.54 -7.50
N CYS C 96 -4.12 -20.72 -8.42
CA CYS C 96 -4.12 -19.28 -8.28
C CYS C 96 -5.31 -18.85 -7.43
N ALA C 97 -5.10 -17.86 -6.57
CA ALA C 97 -6.15 -17.29 -5.73
C ALA C 97 -5.95 -15.80 -5.61
N VAL C 98 -7.07 -15.06 -5.61
CA VAL C 98 -7.10 -13.60 -5.70
C VAL C 98 -8.11 -13.04 -4.69
N ALA C 99 -7.78 -11.89 -4.10
CA ALA C 99 -8.69 -11.19 -3.21
C ALA C 99 -8.49 -9.69 -3.38
N ALA C 100 -9.57 -8.97 -3.69
CA ALA C 100 -9.49 -7.52 -3.71
C ALA C 100 -9.08 -7.01 -2.34
N CYS C 101 -8.32 -5.92 -2.33
CA CYS C 101 -7.76 -5.37 -1.11
C CYS C 101 -8.00 -3.86 -1.14
N HIS C 102 -8.26 -3.27 0.02
CA HIS C 102 -8.28 -1.80 0.07
C HIS C 102 -6.93 -1.30 0.54
N PHE C 103 -6.62 -1.53 1.81
CA PHE C 103 -5.36 -1.04 2.35
C PHE C 103 -4.16 -1.85 1.86
N CYS C 104 -4.37 -3.11 1.49
CA CYS C 104 -3.27 -3.92 1.01
C CYS C 104 -2.18 -3.97 2.09
N ASP C 105 -2.62 -4.32 3.29
CA ASP C 105 -1.86 -4.14 4.50
C ASP C 105 -0.80 -5.22 4.66
N SER C 106 -1.12 -6.44 4.26
CA SER C 106 -0.20 -7.56 4.40
C SER C 106 -0.74 -8.73 3.59
N LEU C 107 0.12 -9.40 2.87
CA LEU C 107 -0.35 -10.48 2.02
C LEU C 107 -0.80 -11.66 2.86
N PRO C 108 -2.06 -12.10 2.75
CA PRO C 108 -2.50 -13.26 3.54
C PRO C 108 -1.88 -14.53 3.00
N LYS C 109 -1.47 -15.40 3.93
CA LYS C 109 -0.82 -16.65 3.59
C LYS C 109 -1.69 -17.85 3.97
N THR C 110 -2.98 -17.62 4.23
CA THR C 110 -3.92 -18.70 4.52
C THR C 110 -4.98 -18.74 3.44
N GLN C 111 -5.60 -19.91 3.29
CA GLN C 111 -6.61 -20.10 2.23
C GLN C 111 -7.84 -19.23 2.44
N ASP C 112 -8.25 -19.05 3.69
CA ASP C 112 -9.61 -18.55 3.97
C ASP C 112 -9.78 -17.09 3.62
N GLU C 113 -8.72 -16.40 3.24
CA GLU C 113 -8.77 -14.98 2.98
C GLU C 113 -8.90 -14.68 1.48
N TYR C 114 -8.96 -15.70 0.63
CA TYR C 114 -9.05 -15.49 -0.80
C TYR C 114 -10.45 -15.84 -1.32
N ILE C 115 -10.95 -15.01 -2.22
CA ILE C 115 -12.32 -15.09 -2.68
C ILE C 115 -12.44 -15.86 -3.99
N LEU C 116 -11.56 -15.58 -4.96
CA LEU C 116 -11.62 -16.17 -6.28
C LEU C 116 -10.52 -17.21 -6.38
N TRP C 117 -10.87 -18.40 -6.89
CA TRP C 117 -9.92 -19.49 -7.05
C TRP C 117 -9.98 -20.04 -8.46
N GLY C 118 -8.84 -20.51 -8.94
CA GLY C 118 -8.74 -21.16 -10.21
C GLY C 118 -9.18 -22.62 -10.12
N GLN C 119 -8.87 -23.32 -11.19
CA GLN C 119 -9.25 -24.71 -11.30
C GLN C 119 -8.10 -25.62 -10.99
N GLY C 120 -6.91 -25.06 -10.98
CA GLY C 120 -5.76 -25.82 -10.63
C GLY C 120 -5.06 -26.13 -11.92
N THR C 121 -3.76 -26.03 -11.88
CA THR C 121 -2.89 -26.42 -12.96
C THR C 121 -2.06 -27.56 -12.41
N GLN C 122 -1.94 -28.65 -13.15
CA GLN C 122 -1.10 -29.72 -12.67
C GLN C 122 0.34 -29.50 -13.12
N VAL C 123 1.26 -29.67 -12.19
CA VAL C 123 2.71 -29.60 -12.41
C VAL C 123 3.28 -30.93 -11.96
N THR C 124 3.95 -31.63 -12.88
CA THR C 124 4.55 -32.92 -12.58
C THR C 124 6.03 -32.89 -12.88
N VAL C 125 6.85 -33.11 -11.87
CA VAL C 125 8.29 -33.17 -12.05
C VAL C 125 8.72 -34.62 -11.89
N SER C 126 9.40 -35.12 -12.90
CA SER C 126 9.85 -36.51 -12.97
C SER C 126 11.37 -36.55 -12.93
N SER C 127 11.92 -37.26 -11.95
CA SER C 127 13.37 -37.35 -11.76
C SER C 127 14.00 -38.41 -12.67
N GLN D 3 3.03 33.93 31.50
CA GLN D 3 2.81 32.96 32.58
C GLN D 3 1.53 32.15 32.45
N LEU D 4 0.61 32.65 31.62
CA LEU D 4 -0.50 31.84 31.17
C LEU D 4 0.00 30.90 30.09
N GLN D 5 -0.57 29.72 30.04
CA GLN D 5 -0.22 28.79 28.99
C GLN D 5 -1.33 28.82 27.95
N GLU D 6 -0.97 29.24 26.75
CA GLU D 6 -1.92 29.32 25.64
C GLU D 6 -1.46 28.40 24.54
N SER D 7 -2.43 27.81 23.86
CA SER D 7 -2.16 26.85 22.81
C SER D 7 -3.38 26.79 21.91
N GLY D 8 -3.23 26.12 20.75
CA GLY D 8 -4.32 25.92 19.82
C GLY D 8 -4.20 26.71 18.54
N GLY D 9 -3.63 27.91 18.59
CA GLY D 9 -3.37 28.70 17.40
C GLY D 9 -2.77 28.01 16.17
N GLY D 10 -2.64 28.77 15.11
CA GLY D 10 -2.12 28.26 13.87
C GLY D 10 -2.96 28.77 12.73
N SER D 11 -2.78 28.16 11.56
CA SER D 11 -3.45 28.62 10.36
C SER D 11 -4.54 27.63 9.97
N VAL D 12 -5.60 28.18 9.41
CA VAL D 12 -6.79 27.41 9.06
C VAL D 12 -7.38 28.01 7.81
N GLN D 13 -8.10 27.19 7.05
CA GLN D 13 -8.79 27.73 5.89
C GLN D 13 -10.11 28.34 6.33
N ALA D 14 -10.66 29.19 5.45
CA ALA D 14 -11.90 29.88 5.77
C ALA D 14 -13.02 28.87 6.00
N GLY D 15 -13.80 29.12 7.05
CA GLY D 15 -14.84 28.19 7.47
C GLY D 15 -14.38 27.09 8.42
N GLY D 16 -13.08 26.89 8.60
CA GLY D 16 -12.59 25.85 9.48
C GLY D 16 -12.75 26.25 10.94
N SER D 17 -12.07 25.50 11.81
CA SER D 17 -12.25 25.70 13.24
C SER D 17 -10.91 25.51 13.94
N LEU D 18 -10.82 26.13 15.11
CA LEU D 18 -9.70 25.94 16.03
C LEU D 18 -10.24 25.89 17.45
N ARG D 19 -9.43 25.35 18.35
CA ARG D 19 -9.79 25.34 19.77
C ARG D 19 -8.61 25.95 20.52
N LEU D 20 -8.80 27.16 21.01
CA LEU D 20 -7.77 27.85 21.78
C LEU D 20 -7.91 27.44 23.24
N SER D 21 -6.79 27.10 23.86
CA SER D 21 -6.79 26.66 25.25
C SER D 21 -5.94 27.62 26.08
N CYS D 22 -6.41 27.91 27.29
CA CYS D 22 -5.72 28.81 28.20
C CYS D 22 -5.72 28.26 29.61
N THR D 23 -4.55 28.23 30.22
CA THR D 23 -4.34 27.69 31.56
C THR D 23 -3.69 28.74 32.44
N ALA D 24 -4.21 28.90 33.66
CA ALA D 24 -3.70 29.81 34.68
C ALA D 24 -3.12 28.99 35.83
N PRO D 25 -1.81 28.82 35.89
CA PRO D 25 -1.18 27.83 36.80
C PRO D 25 -1.54 27.90 38.28
N GLY D 26 -1.63 29.08 38.88
CA GLY D 26 -1.97 29.08 40.30
C GLY D 26 -3.44 29.16 40.66
N TYR D 27 -4.35 29.17 39.68
CA TYR D 27 -5.74 29.51 39.91
C TYR D 27 -6.64 28.28 40.02
N THR D 28 -6.11 27.18 40.51
CA THR D 28 -6.94 25.98 40.66
C THR D 28 -8.00 26.19 41.75
N ASP D 29 -7.73 27.12 42.67
CA ASP D 29 -8.45 27.26 43.92
C ASP D 29 -9.34 28.50 44.01
N SER D 30 -9.00 29.58 43.32
CA SER D 30 -9.70 30.85 43.35
C SER D 30 -10.72 30.94 42.21
N ASN D 31 -11.67 31.87 42.31
CA ASN D 31 -12.46 32.27 41.15
C ASN D 31 -11.82 33.41 40.37
N TYR D 32 -12.18 33.51 39.10
CA TYR D 32 -11.46 34.43 38.22
C TYR D 32 -12.32 34.80 37.01
N TYR D 33 -11.99 35.93 36.42
CA TYR D 33 -12.47 36.25 35.09
C TYR D 33 -11.43 35.80 34.09
N MET D 34 -11.86 35.15 33.03
CA MET D 34 -10.89 34.88 31.98
C MET D 34 -11.49 35.31 30.64
N SER D 35 -10.73 36.14 29.92
CA SER D 35 -11.18 36.68 28.65
C SER D 35 -10.14 36.45 27.58
N TRP D 36 -10.62 36.46 26.34
CA TRP D 36 -9.79 36.48 25.15
C TRP D 36 -9.90 37.83 24.46
N PHE D 37 -8.76 38.44 24.14
CA PHE D 37 -8.70 39.63 23.31
C PHE D 37 -8.01 39.32 21.99
N ARG D 38 -8.26 40.15 20.99
CA ARG D 38 -7.53 39.94 19.77
C ARG D 38 -7.04 41.27 19.21
N GLN D 39 -5.90 41.22 18.54
CA GLN D 39 -5.26 42.38 17.95
C GLN D 39 -4.64 41.95 16.62
N ALA D 40 -5.01 42.62 15.58
CA ALA D 40 -4.36 42.51 14.31
C ALA D 40 -3.40 43.71 14.13
N PRO D 41 -2.28 43.56 13.42
CA PRO D 41 -1.35 44.70 13.27
C PRO D 41 -2.07 45.95 12.77
N GLY D 42 -1.85 47.06 13.47
CA GLY D 42 -2.42 48.32 13.07
C GLY D 42 -3.78 48.62 13.66
N LYS D 43 -4.34 47.71 14.46
CA LYS D 43 -5.70 47.84 14.99
C LYS D 43 -5.65 47.77 16.51
N GLU D 44 -6.75 48.17 17.14
CA GLU D 44 -6.73 48.10 18.59
C GLU D 44 -7.03 46.67 19.04
N ARG D 45 -6.79 46.41 20.31
CA ARG D 45 -6.95 45.06 20.85
C ARG D 45 -8.37 44.96 21.39
N GLU D 46 -9.22 44.22 20.67
CA GLU D 46 -10.64 44.11 20.95
C GLU D 46 -10.97 42.89 21.82
N TRP D 47 -11.87 43.11 22.78
CA TRP D 47 -12.42 42.03 23.58
C TRP D 47 -13.30 41.15 22.72
N VAL D 48 -13.09 39.83 22.81
CA VAL D 48 -13.82 38.83 22.04
C VAL D 48 -14.83 38.09 22.89
N ALA D 49 -14.39 37.54 24.02
CA ALA D 49 -15.27 36.68 24.80
C ALA D 49 -14.62 36.45 26.16
N GLY D 50 -15.46 36.09 27.12
CA GLY D 50 -14.94 35.85 28.45
C GLY D 50 -15.90 35.09 29.32
N VAL D 51 -15.34 34.52 30.39
CA VAL D 51 -16.09 33.73 31.36
C VAL D 51 -15.79 34.28 32.75
N ASN D 52 -16.83 34.32 33.57
CA ASN D 52 -16.77 34.65 34.99
C ASN D 52 -16.90 33.33 35.75
N THR D 53 -15.79 32.83 36.26
CA THR D 53 -15.78 31.58 37.00
C THR D 53 -16.61 31.68 38.26
N GLY D 54 -16.63 32.84 38.89
CA GLY D 54 -17.38 33.00 40.13
C GLY D 54 -18.86 32.72 39.97
N ARG D 55 -19.47 33.22 38.91
CA ARG D 55 -20.89 33.03 38.64
C ARG D 55 -21.21 31.89 37.69
N GLY D 56 -20.45 31.75 36.60
CA GLY D 56 -20.68 30.65 35.70
C GLY D 56 -21.02 31.19 34.33
N SER D 57 -20.87 32.51 34.18
CA SER D 57 -21.40 33.22 33.04
C SER D 57 -20.37 33.35 31.93
N THR D 58 -20.85 33.46 30.71
CA THR D 58 -20.03 33.72 29.55
C THR D 58 -20.58 34.92 28.80
N SER D 59 -19.71 35.66 28.12
CA SER D 59 -20.14 36.78 27.30
C SER D 59 -19.33 36.77 26.02
N TYR D 60 -19.92 37.34 24.98
CA TYR D 60 -19.32 37.30 23.65
C TYR D 60 -19.50 38.62 22.96
N ALA D 61 -18.49 39.04 22.22
CA ALA D 61 -18.66 40.18 21.34
C ALA D 61 -19.63 39.84 20.22
N ASP D 62 -20.36 40.84 19.75
CA ASP D 62 -21.38 40.59 18.74
C ASP D 62 -20.77 40.02 17.46
N SER D 63 -19.50 40.31 17.21
CA SER D 63 -18.89 39.78 15.97
C SER D 63 -18.67 38.27 16.03
N VAL D 64 -18.63 37.68 17.21
CA VAL D 64 -18.33 36.26 17.33
C VAL D 64 -19.48 35.48 17.94
N LYS D 65 -20.57 36.14 18.31
CA LYS D 65 -21.63 35.43 19.01
C LYS D 65 -22.24 34.41 18.04
N GLY D 66 -22.41 33.19 18.52
CA GLY D 66 -22.90 32.09 17.73
C GLY D 66 -21.85 31.26 17.03
N ARG D 67 -20.63 31.79 16.88
CA ARG D 67 -19.58 30.96 16.23
C ARG D 67 -18.52 30.62 17.24
N PHE D 68 -18.38 31.41 18.30
CA PHE D 68 -17.39 31.16 19.33
C PHE D 68 -18.13 30.69 20.58
N THR D 69 -17.65 29.62 21.19
CA THR D 69 -18.19 29.15 22.45
C THR D 69 -17.07 28.86 23.42
N ILE D 70 -17.27 29.26 24.69
CA ILE D 70 -16.36 28.95 25.79
C ILE D 70 -16.81 27.67 26.48
N SER D 71 -15.84 26.85 26.87
CA SER D 71 -16.06 25.64 27.62
C SER D 71 -15.02 25.53 28.72
N GLN D 72 -15.43 25.05 29.89
CA GLN D 72 -14.47 24.76 30.92
C GLN D 72 -13.83 23.39 30.64
N ASP D 73 -12.79 23.06 31.41
CA ASP D 73 -12.01 21.82 31.29
C ASP D 73 -12.18 20.95 32.56
N ASN D 74 -11.46 19.81 32.61
CA ASN D 74 -11.38 19.01 33.86
C ASN D 74 -11.06 19.90 35.03
N ALA D 75 -9.89 20.54 34.90
CA ALA D 75 -9.28 21.42 35.84
C ALA D 75 -9.95 22.77 35.85
N LYS D 76 -10.08 23.35 37.04
CA LYS D 76 -10.77 24.61 37.19
C LYS D 76 -9.93 25.78 36.69
N ASN D 77 -8.64 25.53 36.40
CA ASN D 77 -7.73 26.59 35.95
C ASN D 77 -7.55 26.63 34.43
N THR D 78 -8.31 25.84 33.67
CA THR D 78 -8.20 25.82 32.23
C THR D 78 -9.57 26.08 31.60
N MET D 79 -9.57 26.87 30.53
CA MET D 79 -10.76 27.08 29.72
C MET D 79 -10.36 26.97 28.26
N PHE D 80 -11.36 26.73 27.41
CA PHE D 80 -11.17 26.59 25.97
C PHE D 80 -12.07 27.57 25.27
N LEU D 81 -11.60 28.08 24.14
CA LEU D 81 -12.40 28.92 23.25
C LEU D 81 -12.50 28.16 21.93
N GLN D 82 -13.69 27.65 21.64
CA GLN D 82 -13.92 26.93 20.40
C GLN D 82 -14.35 27.92 19.33
N MET D 83 -13.58 28.01 18.25
CA MET D 83 -13.82 28.96 17.18
C MET D 83 -14.25 28.20 15.94
N ASN D 84 -15.53 28.31 15.61
CA ASN D 84 -16.10 27.71 14.40
C ASN D 84 -16.35 28.79 13.35
N SER D 85 -16.49 28.32 12.10
CA SER D 85 -16.81 29.21 10.98
C SER D 85 -15.87 30.40 10.92
N LEU D 86 -14.57 30.14 11.02
CA LEU D 86 -13.64 31.25 10.97
C LEU D 86 -13.69 31.87 9.58
N LYS D 87 -13.63 33.19 9.59
CA LYS D 87 -13.59 34.03 8.39
C LYS D 87 -12.31 34.84 8.43
N PRO D 88 -11.90 35.36 7.24
CA PRO D 88 -10.67 36.16 7.25
C PRO D 88 -10.64 37.35 8.21
N GLU D 89 -11.76 37.97 8.49
CA GLU D 89 -11.73 39.09 9.45
C GLU D 89 -11.26 38.60 10.81
N ASP D 90 -11.14 37.29 11.02
CA ASP D 90 -10.72 36.76 12.34
C ASP D 90 -9.21 36.64 12.48
N THR D 91 -8.45 37.00 11.46
CA THR D 91 -6.98 36.91 11.62
C THR D 91 -6.54 37.94 12.65
N ALA D 92 -5.74 37.50 13.59
CA ALA D 92 -5.23 38.34 14.67
C ALA D 92 -4.34 37.46 15.55
N ILE D 93 -3.55 38.12 16.41
CA ILE D 93 -3.05 37.48 17.62
C ILE D 93 -4.14 37.48 18.69
N TYR D 94 -4.42 36.30 19.24
CA TYR D 94 -5.40 36.14 20.30
C TYR D 94 -4.66 36.05 21.63
N TYR D 95 -5.08 36.85 22.59
CA TYR D 95 -4.46 36.89 23.90
C TYR D 95 -5.43 36.41 24.96
N CYS D 96 -4.97 35.52 25.81
CA CYS D 96 -5.68 35.17 27.01
C CYS D 96 -5.34 36.17 28.11
N ALA D 97 -6.34 36.51 28.94
CA ALA D 97 -6.12 37.42 30.06
C ALA D 97 -6.94 36.96 31.26
N VAL D 98 -6.36 37.02 32.44
CA VAL D 98 -6.95 36.46 33.64
C VAL D 98 -6.84 37.47 34.79
N ALA D 99 -7.86 37.51 35.63
CA ALA D 99 -7.86 38.32 36.84
C ALA D 99 -8.60 37.57 37.93
N ALA D 100 -7.93 37.34 39.05
CA ALA D 100 -8.62 36.79 40.22
C ALA D 100 -9.73 37.74 40.64
N CYS D 101 -10.84 37.18 41.09
CA CYS D 101 -12.02 37.97 41.42
C CYS D 101 -12.52 37.51 42.77
N HIS D 102 -12.85 38.48 43.60
CA HIS D 102 -13.44 38.28 44.91
C HIS D 102 -14.95 38.42 44.82
N PHE D 103 -15.42 39.62 44.50
CA PHE D 103 -16.86 39.83 44.44
C PHE D 103 -17.45 39.17 43.20
N CYS D 104 -16.64 39.06 42.14
CA CYS D 104 -16.96 38.29 40.94
C CYS D 104 -18.26 38.82 40.36
N ASP D 105 -18.31 40.14 40.28
CA ASP D 105 -19.50 40.96 40.12
C ASP D 105 -19.95 41.13 38.68
N SER D 106 -19.01 41.26 37.73
CA SER D 106 -19.37 41.40 36.33
C SER D 106 -18.11 41.25 35.48
N LEU D 107 -18.22 40.50 34.38
CA LEU D 107 -17.05 40.25 33.56
C LEU D 107 -16.57 41.52 32.87
N PRO D 108 -15.32 41.92 33.08
CA PRO D 108 -14.78 43.14 32.46
C PRO D 108 -14.44 42.98 30.99
N LYS D 109 -14.71 44.01 30.21
CA LYS D 109 -14.47 43.93 28.78
C LYS D 109 -13.37 44.88 28.30
N THR D 110 -12.60 45.48 29.22
CA THR D 110 -11.49 46.34 28.87
C THR D 110 -10.18 45.71 29.30
N GLN D 111 -9.10 46.12 28.63
CA GLN D 111 -7.81 45.50 28.87
C GLN D 111 -7.30 45.77 30.28
N ASP D 112 -7.55 46.98 30.80
CA ASP D 112 -6.78 47.42 31.97
C ASP D 112 -7.19 46.74 33.28
N GLU D 113 -8.28 45.98 33.32
CA GLU D 113 -8.61 45.32 34.57
C GLU D 113 -8.21 43.85 34.60
N TYR D 114 -7.50 43.38 33.60
CA TYR D 114 -6.96 42.03 33.66
C TYR D 114 -5.51 42.11 34.09
N ILE D 115 -5.11 41.18 34.95
CA ILE D 115 -3.80 41.23 35.59
C ILE D 115 -2.79 40.35 34.86
N LEU D 116 -3.20 39.16 34.47
CA LEU D 116 -2.32 38.19 33.85
C LEU D 116 -2.56 38.19 32.35
N TRP D 117 -1.49 38.21 31.57
CA TRP D 117 -1.58 38.18 30.11
C TRP D 117 -0.64 37.13 29.55
N GLY D 118 -1.11 36.37 28.57
CA GLY D 118 -0.17 35.53 27.86
C GLY D 118 0.49 36.38 26.80
N GLN D 119 1.31 35.76 25.98
CA GLN D 119 1.85 36.54 24.88
C GLN D 119 1.21 36.21 23.55
N GLY D 120 0.13 35.43 23.55
CA GLY D 120 -0.63 35.34 22.33
C GLY D 120 -0.31 34.18 21.42
N THR D 121 -1.33 33.68 20.76
CA THR D 121 -1.15 32.73 19.68
C THR D 121 -1.66 33.41 18.42
N GLN D 122 -0.98 33.19 17.30
CA GLN D 122 -1.44 33.74 16.05
C GLN D 122 -2.47 32.81 15.40
N VAL D 123 -3.53 33.42 14.85
CA VAL D 123 -4.56 32.73 14.10
C VAL D 123 -4.61 33.33 12.71
N THR D 124 -4.44 32.51 11.69
CA THR D 124 -4.46 32.95 10.30
C THR D 124 -5.52 32.16 9.54
N VAL D 125 -6.48 32.87 8.96
CA VAL D 125 -7.52 32.29 8.14
C VAL D 125 -7.25 32.67 6.70
N SER D 126 -7.42 31.70 5.80
CA SER D 126 -7.14 31.87 4.39
C SER D 126 -8.46 31.89 3.62
N GLN E 3 1.96 26.39 2.04
CA GLN E 3 0.58 26.04 1.76
C GLN E 3 0.07 24.85 2.58
N LEU E 4 0.92 24.17 3.38
CA LEU E 4 0.36 23.26 4.36
C LEU E 4 -0.25 24.08 5.48
N GLN E 5 -1.37 23.62 5.99
CA GLN E 5 -2.03 24.31 7.08
C GLN E 5 -1.69 23.57 8.37
N GLU E 6 -1.02 24.27 9.29
CA GLU E 6 -0.68 23.68 10.57
C GLU E 6 -1.37 24.45 11.70
N SER E 7 -1.72 23.71 12.75
CA SER E 7 -2.49 24.26 13.84
C SER E 7 -2.17 23.48 15.10
N GLY E 8 -2.52 24.05 16.23
CA GLY E 8 -2.22 23.44 17.51
C GLY E 8 -0.96 24.07 18.04
N GLY E 9 -0.51 23.58 19.16
CA GLY E 9 0.75 24.05 19.70
C GLY E 9 0.66 25.39 20.41
N GLY E 10 1.77 25.71 21.06
CA GLY E 10 1.78 26.79 22.00
C GLY E 10 2.49 26.22 23.20
N SER E 11 2.18 26.73 24.39
CA SER E 11 2.83 26.34 25.63
C SER E 11 1.90 25.46 26.45
N VAL E 12 2.49 24.53 27.19
CA VAL E 12 1.75 23.62 28.05
C VAL E 12 2.63 23.27 29.24
N GLN E 13 2.02 23.10 30.41
CA GLN E 13 2.77 22.65 31.58
C GLN E 13 3.23 21.21 31.38
N ALA E 14 4.33 20.86 32.04
CA ALA E 14 4.88 19.52 31.89
C ALA E 14 3.84 18.47 32.27
N GLY E 15 3.79 17.40 31.50
CA GLY E 15 2.79 16.39 31.70
C GLY E 15 1.49 16.64 30.98
N GLY E 16 1.30 17.85 30.45
CA GLY E 16 0.09 18.19 29.72
C GLY E 16 0.13 17.65 28.30
N SER E 17 -0.84 18.12 27.50
CA SER E 17 -1.01 17.57 26.16
C SER E 17 -1.41 18.66 25.18
N LEU E 18 -1.06 18.43 23.90
CA LEU E 18 -1.50 19.24 22.78
C LEU E 18 -1.84 18.33 21.61
N ARG E 19 -2.59 18.88 20.65
CA ARG E 19 -2.91 18.15 19.44
C ARG E 19 -2.56 19.03 18.23
N LEU E 20 -1.52 18.61 17.51
CA LEU E 20 -1.04 19.28 16.30
C LEU E 20 -1.88 18.82 15.12
N SER E 21 -2.25 19.76 14.26
CA SER E 21 -3.05 19.46 13.09
C SER E 21 -2.31 19.84 11.82
N CYS E 22 -2.42 18.99 10.81
CA CYS E 22 -1.77 19.29 9.54
C CYS E 22 -2.68 18.91 8.39
N THR E 23 -2.84 19.82 7.44
CA THR E 23 -3.70 19.63 6.28
C THR E 23 -2.89 19.92 5.02
N ALA E 24 -2.96 19.01 4.06
CA ALA E 24 -2.24 19.24 2.79
C ALA E 24 -3.27 19.46 1.70
N PRO E 25 -3.57 20.71 1.36
CA PRO E 25 -4.64 20.96 0.38
C PRO E 25 -4.38 20.25 -0.94
N GLY E 26 -5.44 19.67 -1.49
CA GLY E 26 -5.36 18.97 -2.75
C GLY E 26 -4.93 17.52 -2.68
N TYR E 27 -4.64 16.99 -1.49
CA TYR E 27 -4.18 15.62 -1.32
C TYR E 27 -5.32 14.72 -0.89
N THR E 28 -6.54 15.07 -1.26
CA THR E 28 -7.69 14.29 -0.84
C THR E 28 -7.79 12.96 -1.57
N ASP E 29 -7.28 12.87 -2.81
CA ASP E 29 -7.43 11.65 -3.58
C ASP E 29 -6.20 10.77 -3.66
N SER E 30 -5.00 11.32 -3.56
CA SER E 30 -3.82 10.49 -3.74
C SER E 30 -3.38 9.98 -2.38
N ASN E 31 -2.55 8.96 -2.40
CA ASN E 31 -1.91 8.54 -1.16
C ASN E 31 -0.68 9.39 -0.90
N TYR E 32 -0.28 9.47 0.36
CA TYR E 32 0.82 10.32 0.72
C TYR E 32 1.43 9.81 2.02
N TYR E 33 2.70 10.13 2.20
CA TYR E 33 3.33 10.05 3.50
C TYR E 33 3.21 11.41 4.15
N MET E 34 2.84 11.43 5.42
CA MET E 34 2.92 12.68 6.16
C MET E 34 3.60 12.42 7.49
N SER E 35 4.64 13.19 7.78
CA SER E 35 5.39 13.03 9.01
C SER E 35 5.55 14.36 9.73
N TRP E 36 5.82 14.26 11.03
CA TRP E 36 6.24 15.40 11.83
C TRP E 36 7.71 15.25 12.17
N PHE E 37 8.46 16.32 11.94
CA PHE E 37 9.82 16.44 12.42
C PHE E 37 9.83 17.55 13.46
N ARG E 38 10.84 17.52 14.33
CA ARG E 38 10.98 18.60 15.29
C ARG E 38 12.45 19.02 15.36
N GLN E 39 12.67 20.30 15.66
CA GLN E 39 14.03 20.85 15.76
C GLN E 39 14.11 21.85 16.91
N ALA E 40 15.01 21.60 17.80
CA ALA E 40 15.37 22.54 18.84
C ALA E 40 16.59 23.35 18.41
N PRO E 41 16.74 24.59 18.88
CA PRO E 41 17.75 25.51 18.31
C PRO E 41 19.18 25.01 18.20
N GLY E 42 19.66 24.10 19.01
CA GLY E 42 21.01 23.69 18.72
C GLY E 42 21.18 22.38 17.98
N LYS E 43 20.09 21.73 17.59
CA LYS E 43 20.07 20.31 17.32
C LYS E 43 19.60 20.05 15.89
N GLU E 44 19.72 18.80 15.48
CA GLU E 44 19.30 18.44 14.14
C GLU E 44 17.79 18.34 14.11
N ARG E 45 17.24 18.28 12.91
CA ARG E 45 15.79 18.17 12.77
C ARG E 45 15.47 16.67 12.69
N GLU E 46 14.98 16.11 13.79
CA GLU E 46 14.75 14.68 13.93
C GLU E 46 13.31 14.32 13.56
N TRP E 47 13.15 13.16 12.93
CA TRP E 47 11.84 12.57 12.67
C TRP E 47 11.16 12.13 13.97
N VAL E 48 9.89 12.46 14.12
CA VAL E 48 9.11 12.11 15.30
C VAL E 48 8.10 11.00 15.01
N ALA E 49 7.28 11.15 13.97
CA ALA E 49 6.17 10.24 13.74
C ALA E 49 5.60 10.47 12.35
N GLY E 50 4.96 9.44 11.82
CA GLY E 50 4.41 9.57 10.49
C GLY E 50 3.34 8.56 10.19
N VAL E 51 2.59 8.84 9.14
CA VAL E 51 1.49 8.01 8.69
C VAL E 51 1.70 7.72 7.21
N ASN E 52 1.46 6.47 6.83
CA ASN E 52 1.49 5.98 5.46
C ASN E 52 0.04 5.71 5.04
N THR E 53 -0.57 6.66 4.31
CA THR E 53 -1.97 6.53 3.91
C THR E 53 -2.21 5.36 2.95
N GLY E 54 -1.19 4.98 2.17
CA GLY E 54 -1.35 3.83 1.30
C GLY E 54 -1.70 2.57 2.06
N ARG E 55 -1.00 2.33 3.17
CA ARG E 55 -1.29 1.15 3.99
C ARG E 55 -2.29 1.46 5.10
N GLY E 56 -2.11 2.57 5.80
CA GLY E 56 -3.02 2.93 6.85
C GLY E 56 -2.26 2.97 8.16
N SER E 57 -0.93 2.84 8.06
CA SER E 57 -0.06 2.60 9.21
C SER E 57 0.62 3.88 9.70
N THR E 58 0.98 3.87 10.97
CA THR E 58 1.72 4.96 11.59
C THR E 58 2.96 4.39 12.25
N SER E 59 3.98 5.23 12.40
CA SER E 59 5.23 4.85 13.04
C SER E 59 5.66 5.96 13.98
N TYR E 60 6.47 5.61 14.96
CA TYR E 60 6.86 6.56 15.99
C TYR E 60 8.33 6.40 16.31
N ALA E 61 9.01 7.51 16.54
CA ALA E 61 10.34 7.42 17.08
C ALA E 61 10.27 6.81 18.49
N ASP E 62 11.33 6.08 18.86
CA ASP E 62 11.32 5.42 20.17
C ASP E 62 11.21 6.42 21.31
N SER E 63 11.70 7.66 21.11
CA SER E 63 11.65 8.65 22.19
C SER E 63 10.24 9.13 22.51
N VAL E 64 9.27 8.91 21.63
CA VAL E 64 7.89 9.34 21.85
C VAL E 64 6.92 8.18 21.87
N LYS E 65 7.41 6.95 21.76
CA LYS E 65 6.47 5.85 21.62
C LYS E 65 5.70 5.69 22.92
N GLY E 66 4.38 5.53 22.79
CA GLY E 66 3.52 5.43 23.93
C GLY E 66 2.95 6.75 24.40
N ARG E 67 3.53 7.88 23.96
CA ARG E 67 3.00 9.19 24.33
C ARG E 67 2.44 9.98 23.16
N PHE E 68 2.88 9.71 21.95
CA PHE E 68 2.39 10.38 20.76
C PHE E 68 1.63 9.37 19.92
N THR E 69 0.43 9.74 19.47
CA THR E 69 -0.32 8.90 18.55
C THR E 69 -0.86 9.79 17.44
N ILE E 70 -0.81 9.30 16.25
CA ILE E 70 -1.40 9.99 15.12
C ILE E 70 -2.81 9.50 14.93
N SER E 71 -3.71 10.41 14.58
CA SER E 71 -5.08 10.06 14.29
C SER E 71 -5.50 10.66 12.95
N GLN E 72 -6.23 9.86 12.17
CA GLN E 72 -6.76 10.34 10.91
C GLN E 72 -8.02 11.16 11.14
N ASP E 73 -8.41 11.88 10.12
CA ASP E 73 -9.65 12.61 10.16
C ASP E 73 -10.60 12.03 9.13
N ASN E 74 -11.89 12.36 9.27
CA ASN E 74 -12.87 12.11 8.23
C ASN E 74 -12.44 12.76 6.92
N ALA E 75 -12.01 14.02 6.97
CA ALA E 75 -11.43 14.60 5.76
C ALA E 75 -10.08 13.90 5.56
N LYS E 76 -9.85 13.38 4.34
CA LYS E 76 -8.76 12.46 4.01
C LYS E 76 -7.40 13.17 3.93
N ASN E 77 -7.40 14.50 3.83
CA ASN E 77 -6.17 15.25 3.65
C ASN E 77 -5.64 15.88 4.92
N THR E 78 -6.21 15.51 6.07
CA THR E 78 -5.84 16.06 7.36
C THR E 78 -5.41 14.94 8.30
N MET E 79 -4.40 15.20 9.11
CA MET E 79 -4.05 14.27 10.18
C MET E 79 -3.78 15.07 11.44
N PHE E 80 -3.85 14.38 12.57
CA PHE E 80 -3.55 14.99 13.86
C PHE E 80 -2.48 14.17 14.56
N LEU E 81 -1.62 14.87 15.29
CA LEU E 81 -0.64 14.25 16.17
C LEU E 81 -1.03 14.62 17.58
N GLN E 82 -1.51 13.63 18.33
CA GLN E 82 -1.89 13.84 19.73
C GLN E 82 -0.66 13.58 20.60
N MET E 83 -0.24 14.60 21.36
CA MET E 83 0.98 14.57 22.19
C MET E 83 0.56 14.60 23.65
N ASN E 84 0.67 13.46 24.34
CA ASN E 84 0.36 13.40 25.76
C ASN E 84 1.62 13.23 26.58
N SER E 85 1.51 13.52 27.88
CA SER E 85 2.61 13.38 28.83
C SER E 85 3.88 14.09 28.35
N LEU E 86 3.72 15.35 27.94
CA LEU E 86 4.86 16.09 27.42
C LEU E 86 5.90 16.33 28.50
N LYS E 87 7.15 16.32 28.08
CA LYS E 87 8.34 16.52 28.89
C LYS E 87 9.08 17.72 28.32
N PRO E 88 9.87 18.42 29.13
CA PRO E 88 10.70 19.53 28.59
C PRO E 88 11.52 19.17 27.36
N GLU E 89 12.05 17.94 27.25
CA GLU E 89 12.66 17.41 26.03
C GLU E 89 11.86 17.69 24.74
N ASP E 90 10.54 17.86 24.85
CA ASP E 90 9.68 17.98 23.68
C ASP E 90 9.61 19.40 23.15
N THR E 91 10.24 20.35 23.82
CA THR E 91 10.27 21.72 23.32
C THR E 91 11.11 21.78 22.05
N ALA E 92 10.50 22.31 21.01
CA ALA E 92 11.08 22.35 19.67
C ALA E 92 10.05 23.03 18.80
N ILE E 93 10.49 23.46 17.64
CA ILE E 93 9.57 23.74 16.55
C ILE E 93 9.18 22.40 15.93
N TYR E 94 7.88 22.16 15.78
CA TYR E 94 7.41 20.95 15.11
C TYR E 94 7.01 21.31 13.69
N TYR E 95 7.54 20.55 12.71
CA TYR E 95 7.24 20.77 11.30
C TYR E 95 6.45 19.59 10.76
N CYS E 96 5.38 19.89 10.03
CA CYS E 96 4.66 18.91 9.22
C CYS E 96 5.33 18.76 7.85
N ALA E 97 5.39 17.53 7.34
CA ALA E 97 5.99 17.33 6.01
C ALA E 97 5.23 16.28 5.22
N VAL E 98 5.08 16.51 3.92
CA VAL E 98 4.23 15.66 3.09
C VAL E 98 4.95 15.31 1.80
N ALA E 99 4.72 14.08 1.32
CA ALA E 99 5.16 13.66 0.00
C ALA E 99 4.14 12.69 -0.58
N ALA E 100 3.67 13.01 -1.79
CA ALA E 100 2.82 12.12 -2.56
C ALA E 100 3.51 10.79 -2.75
N CYS E 101 2.69 9.75 -2.82
CA CYS E 101 3.13 8.38 -2.72
C CYS E 101 2.41 7.51 -3.74
N HIS E 102 3.17 6.66 -4.45
CA HIS E 102 2.52 5.69 -5.33
C HIS E 102 2.44 4.30 -4.68
N PHE E 103 3.56 3.60 -4.56
CA PHE E 103 3.52 2.28 -3.96
C PHE E 103 3.32 2.34 -2.45
N CYS E 104 3.78 3.42 -1.81
CA CYS E 104 3.48 3.64 -0.39
C CYS E 104 4.00 2.48 0.44
N ASP E 105 5.16 1.97 0.09
CA ASP E 105 5.57 0.68 0.63
C ASP E 105 6.28 0.79 1.96
N SER E 106 6.86 1.95 2.28
CA SER E 106 7.57 2.15 3.54
C SER E 106 7.67 3.65 3.85
N LEU E 107 7.33 4.01 5.07
CA LEU E 107 7.34 5.41 5.46
C LEU E 107 8.76 5.94 5.56
N PRO E 108 9.10 7.01 4.85
CA PRO E 108 10.44 7.58 4.93
C PRO E 108 10.66 8.33 6.23
N LYS E 109 11.86 8.19 6.80
CA LYS E 109 12.17 8.86 8.06
C LYS E 109 13.27 9.91 7.92
N THR E 110 13.63 10.28 6.69
CA THR E 110 14.67 11.26 6.49
C THR E 110 14.06 12.53 5.93
N GLN E 111 14.77 13.64 6.11
CA GLN E 111 14.23 14.92 5.65
C GLN E 111 14.10 14.97 4.13
N ASP E 112 15.08 14.43 3.40
CA ASP E 112 15.27 14.70 1.98
C ASP E 112 14.25 14.00 1.07
N GLU E 113 13.39 13.18 1.64
CA GLU E 113 12.34 12.46 0.95
C GLU E 113 10.97 13.12 1.01
N TYR E 114 10.83 14.24 1.72
CA TYR E 114 9.56 14.94 1.80
C TYR E 114 9.63 16.23 0.98
N ILE E 115 8.53 16.55 0.31
CA ILE E 115 8.47 17.68 -0.64
C ILE E 115 7.88 18.95 -0.05
N LEU E 116 6.77 18.84 0.69
CA LEU E 116 6.04 19.98 1.24
C LEU E 116 6.33 20.16 2.73
N TRP E 117 6.53 21.44 3.16
CA TRP E 117 6.91 21.57 4.57
C TRP E 117 6.10 22.57 5.40
N GLY E 118 5.84 23.77 4.91
CA GLY E 118 5.11 24.69 5.78
C GLY E 118 5.92 24.99 7.04
N GLN E 119 5.46 25.88 7.90
CA GLN E 119 6.51 26.60 8.62
C GLN E 119 6.68 26.16 10.07
N GLY E 120 6.04 25.10 10.49
CA GLY E 120 6.30 24.63 11.83
C GLY E 120 5.62 25.47 12.87
N THR E 121 5.16 24.80 13.91
CA THR E 121 4.57 25.45 15.06
C THR E 121 5.46 25.20 16.27
N GLN E 122 5.57 26.20 17.11
CA GLN E 122 6.37 26.05 18.31
C GLN E 122 5.58 25.36 19.41
N VAL E 123 6.24 24.42 20.07
CA VAL E 123 5.71 23.71 21.20
C VAL E 123 6.70 23.89 22.33
N THR E 124 6.26 24.50 23.41
CA THR E 124 7.14 24.76 24.55
C THR E 124 6.51 24.16 25.81
N VAL E 125 7.24 23.28 26.47
CA VAL E 125 6.80 22.63 27.70
C VAL E 125 7.61 23.16 28.87
N SER E 126 6.90 23.56 29.93
CA SER E 126 7.52 24.10 31.13
C SER E 126 7.33 23.11 32.28
N GLN F 3 34.16 -10.57 -18.21
CA GLN F 3 34.04 -12.03 -18.26
C GLN F 3 32.70 -12.51 -17.74
N LEU F 4 32.03 -11.69 -16.92
CA LEU F 4 30.65 -11.96 -16.59
C LEU F 4 29.73 -11.54 -17.74
N GLN F 5 28.68 -12.32 -17.94
CA GLN F 5 27.64 -12.06 -18.92
C GLN F 5 26.44 -11.47 -18.20
N GLU F 6 26.10 -10.24 -18.51
CA GLU F 6 24.95 -9.56 -17.94
C GLU F 6 23.98 -9.17 -19.04
N SER F 7 22.69 -9.26 -18.73
CA SER F 7 21.68 -8.97 -19.74
C SER F 7 20.40 -8.58 -19.02
N GLY F 8 19.45 -8.06 -19.78
CA GLY F 8 18.14 -7.72 -19.23
C GLY F 8 17.89 -6.26 -18.94
N GLY F 9 18.89 -5.39 -19.08
CA GLY F 9 18.70 -3.97 -18.87
C GLY F 9 17.95 -3.31 -20.01
N GLY F 10 17.80 -1.99 -19.90
CA GLY F 10 17.09 -1.20 -20.86
C GLY F 10 16.23 -0.19 -20.16
N SER F 11 15.23 0.33 -20.88
CA SER F 11 14.36 1.35 -20.32
C SER F 11 12.97 0.77 -20.10
N VAL F 12 12.32 1.26 -19.05
CA VAL F 12 11.00 0.81 -18.67
C VAL F 12 10.27 2.02 -18.09
N GLN F 13 8.96 2.08 -18.28
CA GLN F 13 8.22 3.14 -17.59
C GLN F 13 8.08 2.80 -16.11
N ALA F 14 7.90 3.83 -15.30
CA ALA F 14 7.77 3.64 -13.86
C ALA F 14 6.65 2.67 -13.52
N GLY F 15 6.90 1.84 -12.51
CA GLY F 15 5.98 0.80 -12.14
C GLY F 15 6.19 -0.51 -12.87
N GLY F 16 7.01 -0.52 -13.92
CA GLY F 16 7.29 -1.70 -14.70
C GLY F 16 8.31 -2.62 -14.08
N SER F 17 8.78 -3.57 -14.89
CA SER F 17 9.67 -4.61 -14.38
C SER F 17 10.69 -5.02 -15.42
N LEU F 18 11.83 -5.50 -14.94
CA LEU F 18 12.88 -6.05 -15.76
C LEU F 18 13.46 -7.26 -15.05
N ARG F 19 14.18 -8.08 -15.79
CA ARG F 19 14.84 -9.22 -15.19
C ARG F 19 16.31 -9.19 -15.57
N LEU F 20 17.15 -8.90 -14.57
CA LEU F 20 18.58 -8.86 -14.76
C LEU F 20 19.13 -10.28 -14.63
N SER F 21 20.00 -10.65 -15.55
CA SER F 21 20.61 -11.97 -15.56
C SER F 21 22.12 -11.82 -15.48
N CYS F 22 22.75 -12.75 -14.77
CA CYS F 22 24.20 -12.73 -14.61
C CYS F 22 24.73 -14.15 -14.62
N THR F 23 25.78 -14.38 -15.42
CA THR F 23 26.39 -15.68 -15.60
C THR F 23 27.87 -15.58 -15.32
N ALA F 24 28.39 -16.51 -14.53
CA ALA F 24 29.80 -16.52 -14.19
C ALA F 24 30.46 -17.73 -14.85
N PRO F 25 31.11 -17.57 -16.01
CA PRO F 25 31.66 -18.74 -16.72
C PRO F 25 32.68 -19.46 -15.86
N GLY F 26 32.59 -20.79 -15.85
CA GLY F 26 33.51 -21.58 -15.08
C GLY F 26 33.12 -21.81 -13.63
N TYR F 27 31.99 -21.28 -13.18
CA TYR F 27 31.57 -21.41 -11.78
C TYR F 27 30.52 -22.49 -11.61
N THR F 28 30.56 -23.50 -12.47
CA THR F 28 29.57 -24.56 -12.35
C THR F 28 29.86 -25.45 -11.14
N ASP F 29 31.13 -25.46 -10.64
CA ASP F 29 31.53 -26.41 -9.60
C ASP F 29 31.48 -25.82 -8.21
N SER F 30 31.61 -24.51 -8.09
CA SER F 30 31.81 -23.85 -6.81
C SER F 30 30.52 -23.32 -6.21
N ASN F 31 30.62 -23.04 -4.92
CA ASN F 31 29.76 -22.09 -4.27
C ASN F 31 30.38 -20.71 -4.43
N TYR F 32 29.55 -19.69 -4.42
CA TYR F 32 30.04 -18.35 -4.70
C TYR F 32 29.04 -17.36 -4.16
N TYR F 33 29.52 -16.17 -3.89
CA TYR F 33 28.65 -15.05 -3.63
C TYR F 33 28.38 -14.37 -4.96
N MET F 34 27.14 -13.98 -5.19
CA MET F 34 26.86 -13.12 -6.32
C MET F 34 25.98 -12.01 -5.81
N SER F 35 26.39 -10.77 -6.09
CA SER F 35 25.66 -9.60 -5.66
C SER F 35 25.48 -8.65 -6.84
N TRP F 36 24.43 -7.85 -6.75
CA TRP F 36 24.21 -6.75 -7.67
C TRP F 36 24.47 -5.44 -6.93
N PHE F 37 25.26 -4.58 -7.53
CA PHE F 37 25.52 -3.23 -7.05
C PHE F 37 24.91 -2.26 -8.04
N ARG F 38 24.67 -1.03 -7.60
CA ARG F 38 24.24 -0.03 -8.58
C ARG F 38 24.95 1.30 -8.34
N GLN F 39 25.10 2.06 -9.41
CA GLN F 39 25.76 3.36 -9.35
C GLN F 39 25.10 4.33 -10.32
N ALA F 40 24.64 5.36 -9.83
CA ALA F 40 24.19 6.45 -10.68
C ALA F 40 25.29 7.50 -10.77
N PRO F 41 25.43 8.23 -11.88
CA PRO F 41 26.52 9.21 -11.99
C PRO F 41 26.54 10.18 -10.80
N GLY F 42 27.71 10.32 -10.19
CA GLY F 42 27.94 11.22 -9.08
C GLY F 42 27.75 10.60 -7.71
N LYS F 43 27.46 9.29 -7.64
CA LYS F 43 27.01 8.62 -6.42
C LYS F 43 27.90 7.40 -6.19
N GLU F 44 27.86 6.84 -4.98
CA GLU F 44 28.79 5.73 -4.86
C GLU F 44 28.11 4.47 -5.38
N ARG F 45 28.86 3.40 -5.47
CA ARG F 45 28.32 2.15 -5.95
C ARG F 45 27.83 1.38 -4.72
N GLU F 46 26.50 1.27 -4.59
CA GLU F 46 25.87 0.63 -3.44
C GLU F 46 25.44 -0.79 -3.73
N TRP F 47 25.57 -1.64 -2.71
CA TRP F 47 25.03 -2.99 -2.74
C TRP F 47 23.49 -2.96 -2.76
N VAL F 48 22.91 -3.74 -3.66
CA VAL F 48 21.46 -3.84 -3.83
C VAL F 48 20.93 -5.15 -3.26
N ALA F 49 21.51 -6.26 -3.68
CA ALA F 49 20.97 -7.59 -3.39
C ALA F 49 22.06 -8.61 -3.72
N GLY F 50 21.96 -9.76 -3.06
CA GLY F 50 22.96 -10.78 -3.27
C GLY F 50 22.47 -12.14 -2.83
N VAL F 51 23.14 -13.15 -3.36
CA VAL F 51 22.79 -14.53 -3.08
C VAL F 51 24.06 -15.24 -2.64
N ASN F 52 23.91 -16.07 -1.62
CA ASN F 52 24.95 -16.94 -1.10
C ASN F 52 24.58 -18.33 -1.62
N THR F 53 25.29 -18.73 -2.67
CA THR F 53 25.01 -19.99 -3.37
C THR F 53 25.25 -21.21 -2.48
N GLY F 54 26.28 -21.17 -1.65
CA GLY F 54 26.57 -22.33 -0.80
C GLY F 54 25.44 -22.66 0.14
N ARG F 55 24.91 -21.66 0.82
CA ARG F 55 23.83 -21.83 1.79
C ARG F 55 22.44 -21.48 1.27
N GLY F 56 22.31 -21.03 0.02
CA GLY F 56 21.00 -20.77 -0.54
C GLY F 56 20.29 -19.52 -0.06
N SER F 57 20.93 -18.67 0.74
CA SER F 57 20.23 -17.52 1.32
C SER F 57 20.43 -16.30 0.43
N THR F 58 19.47 -15.39 0.50
CA THR F 58 19.49 -14.15 -0.25
C THR F 58 19.36 -12.96 0.69
N SER F 59 19.85 -11.80 0.25
CA SER F 59 19.71 -10.59 1.04
C SER F 59 19.40 -9.42 0.12
N TYR F 60 18.77 -8.41 0.71
CA TYR F 60 18.32 -7.27 -0.05
C TYR F 60 18.57 -5.99 0.73
N ALA F 61 18.96 -4.95 0.02
CA ALA F 61 18.99 -3.63 0.62
C ALA F 61 17.56 -3.23 0.97
N ASP F 62 17.38 -2.41 2.01
CA ASP F 62 16.03 -2.09 2.47
C ASP F 62 15.21 -1.33 1.43
N SER F 63 15.85 -0.53 0.59
CA SER F 63 15.11 0.24 -0.41
C SER F 63 14.50 -0.64 -1.51
N VAL F 64 14.96 -1.88 -1.64
CA VAL F 64 14.47 -2.77 -2.68
C VAL F 64 13.77 -3.98 -2.10
N LYS F 65 13.69 -4.11 -0.76
CA LYS F 65 13.27 -5.39 -0.21
C LYS F 65 11.80 -5.57 -0.59
N GLY F 66 11.46 -6.77 -1.07
CA GLY F 66 10.12 -7.05 -1.46
C GLY F 66 9.77 -6.76 -2.90
N ARG F 67 10.53 -5.94 -3.61
CA ARG F 67 10.28 -5.69 -5.01
C ARG F 67 11.30 -6.33 -5.92
N PHE F 68 12.46 -6.66 -5.38
CA PHE F 68 13.50 -7.36 -6.12
C PHE F 68 13.60 -8.75 -5.52
N THR F 69 13.64 -9.78 -6.37
CA THR F 69 13.86 -11.13 -5.87
C THR F 69 14.93 -11.80 -6.72
N ILE F 70 15.84 -12.51 -6.07
CA ILE F 70 16.87 -13.29 -6.74
C ILE F 70 16.38 -14.73 -6.87
N SER F 71 16.63 -15.34 -8.02
CA SER F 71 16.29 -16.73 -8.27
C SER F 71 17.44 -17.41 -8.98
N GLN F 72 17.65 -18.71 -8.71
CA GLN F 72 18.62 -19.46 -9.48
C GLN F 72 18.00 -19.85 -10.84
N ASP F 73 18.82 -20.41 -11.75
CA ASP F 73 18.46 -20.88 -13.10
C ASP F 73 18.69 -22.40 -13.18
N ASN F 74 18.41 -23.06 -14.31
CA ASN F 74 18.90 -24.46 -14.41
C ASN F 74 20.45 -24.51 -14.53
N ALA F 75 21.11 -23.50 -15.15
CA ALA F 75 22.58 -23.48 -15.04
C ALA F 75 23.01 -23.04 -13.63
N LYS F 76 24.00 -23.76 -13.06
CA LYS F 76 24.41 -23.55 -11.66
C LYS F 76 25.15 -22.22 -11.52
N ASN F 77 25.66 -21.71 -12.64
CA ASN F 77 26.48 -20.52 -12.69
C ASN F 77 25.72 -19.27 -13.12
N THR F 78 24.40 -19.32 -13.17
CA THR F 78 23.60 -18.19 -13.59
C THR F 78 22.59 -17.83 -12.51
N MET F 79 22.39 -16.53 -12.30
CA MET F 79 21.33 -16.08 -11.40
C MET F 79 20.60 -14.92 -12.06
N PHE F 80 19.40 -14.65 -11.56
CA PHE F 80 18.54 -13.60 -12.08
C PHE F 80 18.19 -12.65 -10.94
N LEU F 81 18.06 -11.38 -11.28
CA LEU F 81 17.53 -10.39 -10.36
C LEU F 81 16.25 -9.89 -11.01
N GLN F 82 15.11 -10.28 -10.44
CA GLN F 82 13.82 -9.87 -10.96
C GLN F 82 13.44 -8.57 -10.25
N MET F 83 13.23 -7.53 -11.01
CA MET F 83 12.97 -6.21 -10.44
C MET F 83 11.54 -5.84 -10.80
N ASN F 84 10.65 -5.90 -9.81
CA ASN F 84 9.27 -5.48 -10.01
C ASN F 84 9.06 -4.10 -9.40
N SER F 85 7.99 -3.44 -9.84
CA SER F 85 7.58 -2.15 -9.30
C SER F 85 8.70 -1.12 -9.39
N LEU F 86 9.31 -1.01 -10.56
CA LEU F 86 10.41 -0.09 -10.70
C LEU F 86 9.90 1.34 -10.58
N LYS F 87 10.68 2.15 -9.88
CA LYS F 87 10.41 3.54 -9.62
C LYS F 87 11.66 4.40 -10.09
N PRO F 88 11.42 5.69 -10.29
CA PRO F 88 12.59 6.51 -10.75
C PRO F 88 13.90 6.46 -9.94
N GLU F 89 13.94 6.32 -8.58
CA GLU F 89 15.18 6.12 -7.80
C GLU F 89 16.08 5.06 -8.45
N ASP F 90 15.45 4.11 -9.14
CA ASP F 90 16.16 2.90 -9.48
C ASP F 90 17.00 3.02 -10.74
N THR F 91 16.91 4.12 -11.47
CA THR F 91 17.72 4.18 -12.67
C THR F 91 19.18 4.38 -12.28
N ALA F 92 20.03 3.54 -12.84
CA ALA F 92 21.43 3.47 -12.48
C ALA F 92 22.05 2.43 -13.38
N ILE F 93 23.38 2.37 -13.40
CA ILE F 93 24.07 1.21 -13.93
C ILE F 93 24.11 0.14 -12.85
N TYR F 94 23.63 -1.05 -13.19
CA TYR F 94 23.62 -2.20 -12.30
C TYR F 94 24.81 -3.09 -12.66
N TYR F 95 25.60 -3.46 -11.67
CA TYR F 95 26.79 -4.26 -11.89
C TYR F 95 26.64 -5.59 -11.19
N CYS F 96 26.91 -6.68 -11.91
CA CYS F 96 27.03 -7.99 -11.33
C CYS F 96 28.43 -8.23 -10.80
N ALA F 97 28.53 -8.85 -9.61
CA ALA F 97 29.79 -9.15 -8.96
C ALA F 97 29.73 -10.52 -8.32
N VAL F 98 30.84 -11.25 -8.41
CA VAL F 98 30.89 -12.64 -7.98
C VAL F 98 32.19 -12.89 -7.24
N ALA F 99 32.12 -13.74 -6.20
CA ALA F 99 33.30 -14.21 -5.49
C ALA F 99 33.07 -15.65 -5.03
N ALA F 100 33.96 -16.56 -5.43
CA ALA F 100 33.87 -17.93 -4.94
C ALA F 100 34.05 -17.98 -3.42
N CYS F 101 33.37 -18.95 -2.79
CA CYS F 101 33.28 -19.09 -1.35
C CYS F 101 33.59 -20.54 -1.01
N HIS F 102 34.28 -20.77 0.11
CA HIS F 102 34.39 -22.13 0.63
C HIS F 102 33.36 -22.38 1.72
N PHE F 103 33.59 -21.82 2.91
CA PHE F 103 32.68 -21.98 4.02
C PHE F 103 31.42 -21.13 3.91
N CYS F 104 31.46 -20.00 3.21
CA CYS F 104 30.25 -19.22 2.94
C CYS F 104 29.59 -18.65 4.20
N ASP F 105 30.37 -17.90 5.02
CA ASP F 105 29.84 -17.44 6.32
C ASP F 105 28.60 -16.63 6.10
N SER F 106 28.74 -15.68 5.17
CA SER F 106 28.08 -14.39 5.24
C SER F 106 28.27 -13.72 3.89
N LEU F 107 27.19 -13.21 3.33
CA LEU F 107 27.25 -12.55 2.05
C LEU F 107 27.95 -11.22 2.20
N PRO F 108 29.01 -10.94 1.46
CA PRO F 108 29.69 -9.65 1.60
C PRO F 108 28.87 -8.55 0.94
N LYS F 109 28.81 -7.41 1.60
CA LYS F 109 28.03 -6.29 1.07
C LYS F 109 28.91 -5.12 0.68
N THR F 110 30.22 -5.31 0.60
CA THR F 110 31.17 -4.29 0.20
C THR F 110 31.78 -4.66 -1.14
N GLN F 111 32.26 -3.64 -1.86
CA GLN F 111 32.81 -3.88 -3.18
C GLN F 111 34.10 -4.70 -3.09
N ASP F 112 34.91 -4.43 -2.07
CA ASP F 112 36.29 -4.88 -2.06
C ASP F 112 36.41 -6.37 -1.85
N GLU F 113 35.31 -7.05 -1.54
CA GLU F 113 35.32 -8.48 -1.31
C GLU F 113 34.91 -9.27 -2.54
N TYR F 114 34.59 -8.61 -3.64
CA TYR F 114 34.19 -9.29 -4.86
C TYR F 114 35.33 -9.22 -5.89
N ILE F 115 35.54 -10.34 -6.58
CA ILE F 115 36.68 -10.48 -7.46
C ILE F 115 36.33 -10.21 -8.92
N LEU F 116 35.20 -10.73 -9.40
CA LEU F 116 34.81 -10.60 -10.80
C LEU F 116 33.71 -9.55 -10.93
N TRP F 117 33.86 -8.66 -11.91
CA TRP F 117 32.87 -7.64 -12.16
C TRP F 117 32.51 -7.69 -13.64
N GLY F 118 31.43 -7.02 -14.00
CA GLY F 118 31.04 -6.94 -15.39
C GLY F 118 31.01 -5.50 -15.86
N GLN F 119 30.51 -5.26 -17.06
CA GLN F 119 30.43 -3.88 -17.53
C GLN F 119 29.17 -3.20 -17.05
N GLY F 120 28.31 -3.89 -16.32
CA GLY F 120 27.11 -3.25 -15.84
C GLY F 120 26.10 -3.07 -16.95
N THR F 121 24.81 -3.12 -16.63
CA THR F 121 23.76 -2.84 -17.60
C THR F 121 23.05 -1.58 -17.15
N GLN F 122 22.65 -0.75 -18.09
CA GLN F 122 21.92 0.44 -17.70
C GLN F 122 20.44 0.12 -17.54
N VAL F 123 19.85 0.63 -16.47
CA VAL F 123 18.43 0.53 -16.21
C VAL F 123 17.91 1.95 -16.10
N THR F 124 16.94 2.30 -16.95
CA THR F 124 16.36 3.63 -16.95
C THR F 124 14.87 3.54 -16.69
N VAL F 125 14.41 4.17 -15.61
CA VAL F 125 13.00 4.26 -15.28
C VAL F 125 12.57 5.69 -15.50
N SER F 126 11.52 5.89 -16.27
CA SER F 126 11.06 7.20 -16.65
C SER F 126 9.73 7.52 -16.00
N SER F 127 9.41 8.81 -15.95
CA SER F 127 8.28 9.39 -15.20
C SER F 127 8.50 9.28 -13.69
N GLN G 3 -29.02 5.32 9.65
CA GLN G 3 -27.88 5.52 8.74
C GLN G 3 -26.91 6.61 9.19
N LEU G 4 -27.22 7.33 10.28
CA LEU G 4 -26.20 8.19 10.87
C LEU G 4 -25.18 7.35 11.61
N GLN G 5 -23.93 7.80 11.58
CA GLN G 5 -22.82 7.19 12.29
C GLN G 5 -22.62 7.95 13.60
N GLU G 6 -22.77 7.26 14.73
CA GLU G 6 -22.53 7.83 16.05
C GLU G 6 -21.48 7.01 16.77
N SER G 7 -20.64 7.70 17.56
CA SER G 7 -19.57 7.07 18.31
C SER G 7 -19.11 8.00 19.41
N GLY G 8 -18.31 7.46 20.35
CA GLY G 8 -17.70 8.27 21.38
C GLY G 8 -18.35 8.20 22.75
N GLY G 9 -19.39 7.38 22.92
CA GLY G 9 -20.01 7.19 24.22
C GLY G 9 -19.37 6.09 25.04
N GLY G 10 -19.95 5.86 26.21
CA GLY G 10 -19.43 4.92 27.18
C GLY G 10 -19.56 5.49 28.58
N SER G 11 -18.74 4.98 29.48
CA SER G 11 -18.77 5.41 30.88
C SER G 11 -17.52 6.20 31.22
N VAL G 12 -17.70 7.18 32.09
CA VAL G 12 -16.61 8.03 32.54
C VAL G 12 -16.92 8.43 33.97
N THR G 13 -15.89 8.55 34.80
CA THR G 13 -16.05 9.05 36.15
C THR G 13 -16.54 10.51 36.12
N ALA G 14 -17.25 10.90 37.17
CA ALA G 14 -17.80 12.25 37.23
C ALA G 14 -16.69 13.29 37.18
N GLY G 15 -16.94 14.37 36.44
CA GLY G 15 -15.93 15.37 36.18
C GLY G 15 -15.12 15.09 34.94
N GLY G 16 -15.19 13.88 34.39
CA GLY G 16 -14.49 13.52 33.18
C GLY G 16 -15.17 14.03 31.92
N SER G 17 -14.70 13.52 30.79
CA SER G 17 -15.15 14.08 29.53
C SER G 17 -15.31 13.00 28.46
N LEU G 18 -16.17 13.30 27.50
CA LEU G 18 -16.30 12.48 26.31
C LEU G 18 -16.43 13.39 25.11
N ARG G 19 -16.20 12.82 23.93
CA ARG G 19 -16.37 13.52 22.66
C ARG G 19 -17.32 12.69 21.80
N LEU G 20 -18.55 13.17 21.63
CA LEU G 20 -19.51 12.47 20.81
C LEU G 20 -19.35 12.91 19.37
N SER G 21 -19.35 11.94 18.47
CA SER G 21 -19.15 12.22 17.05
C SER G 21 -20.39 11.78 16.29
N CYS G 22 -20.76 12.57 15.28
CA CYS G 22 -21.92 12.24 14.46
C CYS G 22 -21.62 12.54 13.00
N THR G 23 -21.87 11.57 12.13
CA THR G 23 -21.60 11.68 10.71
C THR G 23 -22.87 11.39 9.94
N ALA G 24 -23.21 12.28 9.00
CA ALA G 24 -24.40 12.13 8.17
C ALA G 24 -24.01 11.86 6.73
N PRO G 25 -23.97 10.61 6.29
CA PRO G 25 -23.56 10.35 4.92
C PRO G 25 -24.44 11.09 3.92
N GLY G 26 -23.84 11.51 2.82
CA GLY G 26 -24.50 12.26 1.78
C GLY G 26 -24.76 13.72 2.09
N TYR G 27 -24.40 14.21 3.28
CA TYR G 27 -24.70 15.59 3.63
C TYR G 27 -23.49 16.50 3.48
N THR G 28 -22.57 16.15 2.59
CA THR G 28 -21.42 17.00 2.34
C THR G 28 -21.77 18.21 1.46
N ASP G 29 -22.87 18.15 0.69
CA ASP G 29 -23.17 19.16 -0.31
C ASP G 29 -24.14 20.17 0.28
N SER G 30 -24.85 19.73 1.30
CA SER G 30 -26.00 20.41 1.88
C SER G 30 -25.61 21.25 3.08
N ASN G 31 -26.50 22.18 3.39
CA ASN G 31 -26.57 22.73 4.72
C ASN G 31 -27.54 21.88 5.53
N TYR G 32 -27.36 21.89 6.83
CA TYR G 32 -28.21 21.01 7.60
C TYR G 32 -28.27 21.53 9.01
N TYR G 33 -29.35 21.18 9.68
CA TYR G 33 -29.38 21.30 11.13
C TYR G 33 -28.92 19.97 11.68
N MET G 34 -28.03 20.01 12.66
CA MET G 34 -27.74 18.80 13.40
C MET G 34 -27.77 19.13 14.88
N SER G 35 -28.56 18.38 15.63
CA SER G 35 -28.71 18.58 17.05
C SER G 35 -28.52 17.25 17.77
N TRP G 36 -28.12 17.35 19.03
CA TRP G 36 -28.08 16.21 19.92
C TRP G 36 -29.24 16.28 20.89
N PHE G 37 -29.98 15.18 21.03
CA PHE G 37 -31.00 15.07 22.06
C PHE G 37 -30.54 14.01 23.05
N ARG G 38 -31.09 14.04 24.26
CA ARG G 38 -30.76 13.00 25.23
C ARG G 38 -32.03 12.53 25.91
N GLN G 39 -32.01 11.27 26.33
CA GLN G 39 -33.16 10.66 26.99
C GLN G 39 -32.66 9.69 28.05
N ALA G 40 -33.08 9.91 29.30
CA ALA G 40 -32.86 8.95 30.36
C ALA G 40 -34.11 8.09 30.57
N PRO G 41 -33.99 6.84 31.01
CA PRO G 41 -35.19 6.01 31.21
C PRO G 41 -36.22 6.73 32.07
N GLY G 42 -37.44 6.82 31.55
CA GLY G 42 -38.55 7.44 32.25
C GLY G 42 -38.73 8.90 31.92
N LYS G 43 -37.91 9.46 31.09
CA LYS G 43 -37.92 10.89 30.91
C LYS G 43 -38.06 11.19 29.42
N GLU G 44 -38.39 12.43 29.12
CA GLU G 44 -38.58 12.84 27.76
C GLU G 44 -37.22 12.98 27.06
N ARG G 45 -37.26 13.09 25.76
CA ARG G 45 -36.04 13.26 24.99
C ARG G 45 -35.88 14.76 24.84
N GLU G 46 -34.92 15.32 25.57
CA GLU G 46 -34.70 16.77 25.61
C GLU G 46 -33.63 17.17 24.62
N TRP G 47 -33.81 18.33 24.00
CA TRP G 47 -32.77 18.92 23.19
C TRP G 47 -31.58 19.34 24.07
N VAL G 48 -30.37 19.01 23.60
CA VAL G 48 -29.11 19.33 24.29
C VAL G 48 -28.38 20.48 23.60
N ALA G 49 -28.11 20.35 22.30
CA ALA G 49 -27.23 21.27 21.58
C ALA G 49 -27.39 21.04 20.08
N GLY G 50 -27.06 22.05 19.29
CA GLY G 50 -27.23 21.92 17.85
C GLY G 50 -26.41 22.92 17.04
N VAL G 51 -26.25 22.59 15.76
CA VAL G 51 -25.48 23.40 14.84
C VAL G 51 -26.34 23.68 13.61
N ASN G 52 -26.27 24.90 13.15
CA ASN G 52 -26.87 25.34 11.90
C ASN G 52 -25.68 25.52 10.96
N THR G 53 -25.41 24.53 10.10
CA THR G 53 -24.27 24.67 9.20
C THR G 53 -24.47 25.83 8.24
N GLY G 54 -25.72 26.12 7.87
CA GLY G 54 -25.97 27.23 6.95
C GLY G 54 -25.42 28.54 7.48
N ARG G 55 -25.69 28.84 8.75
CA ARG G 55 -25.15 30.04 9.38
C ARG G 55 -23.88 29.58 10.12
N GLY G 56 -23.22 30.43 10.85
CA GLY G 56 -22.12 29.78 11.52
C GLY G 56 -22.45 29.14 12.85
N SER G 57 -23.73 29.08 13.25
CA SER G 57 -24.08 29.18 14.66
C SER G 57 -24.25 27.83 15.34
N THR G 58 -24.05 27.84 16.66
CA THR G 58 -24.31 26.73 17.55
C THR G 58 -25.19 27.25 18.68
N SER G 59 -25.95 26.34 19.30
CA SER G 59 -26.81 26.68 20.43
C SER G 59 -26.73 25.57 21.48
N TYR G 60 -27.00 25.94 22.72
CA TYR G 60 -26.89 25.00 23.83
C TYR G 60 -28.03 25.22 24.81
N ALA G 61 -28.55 24.12 25.36
CA ALA G 61 -29.47 24.21 26.48
C ALA G 61 -28.72 24.75 27.69
N ASP G 62 -29.45 25.49 28.54
CA ASP G 62 -28.81 26.12 29.69
C ASP G 62 -28.19 25.08 30.63
N SER G 63 -28.73 23.86 30.66
CA SER G 63 -28.14 22.87 31.57
C SER G 63 -26.75 22.44 31.14
N VAL G 64 -26.33 22.71 29.90
CA VAL G 64 -25.03 22.29 29.39
C VAL G 64 -24.14 23.47 29.02
N LYS G 65 -24.61 24.70 29.21
CA LYS G 65 -23.81 25.87 28.81
C LYS G 65 -22.55 25.96 29.67
N GLY G 66 -21.41 26.18 29.00
CA GLY G 66 -20.14 26.20 29.65
C GLY G 66 -19.42 24.88 29.71
N ARG G 67 -20.12 23.77 29.52
CA ARG G 67 -19.41 22.50 29.56
C ARG G 67 -19.47 21.72 28.26
N PHE G 68 -20.42 21.98 27.39
CA PHE G 68 -20.54 21.29 26.11
C PHE G 68 -20.19 22.24 24.98
N THR G 69 -19.36 21.80 24.05
CA THR G 69 -19.09 22.60 22.85
C THR G 69 -19.24 21.73 21.62
N ILE G 70 -19.86 22.29 20.58
CA ILE G 70 -19.88 21.62 19.30
C ILE G 70 -18.67 22.12 18.54
N SER G 71 -18.02 21.20 17.85
CA SER G 71 -16.84 21.49 17.07
C SER G 71 -17.05 20.90 15.69
N GLN G 72 -16.77 21.68 14.66
CA GLN G 72 -16.87 21.11 13.33
C GLN G 72 -15.63 20.29 13.02
N ASP G 73 -15.73 19.52 11.95
CA ASP G 73 -14.61 18.76 11.44
C ASP G 73 -14.22 19.32 10.07
N ASN G 74 -13.04 18.93 9.60
CA ASN G 74 -12.64 19.20 8.23
C ASN G 74 -13.64 18.63 7.23
N ALA G 75 -14.11 17.40 7.45
CA ALA G 75 -15.20 16.88 6.63
C ALA G 75 -16.50 17.58 7.05
N LYS G 76 -17.24 18.09 6.06
CA LYS G 76 -18.39 18.93 6.35
C LYS G 76 -19.62 18.17 6.83
N ASN G 77 -19.65 16.84 6.72
CA ASN G 77 -20.81 16.06 7.14
C ASN G 77 -20.63 15.45 8.53
N THR G 78 -19.60 15.86 9.27
CA THR G 78 -19.32 15.33 10.59
C THR G 78 -19.29 16.47 11.58
N MET G 79 -19.82 16.23 12.77
CA MET G 79 -19.68 17.16 13.89
C MET G 79 -19.37 16.38 15.16
N PHE G 80 -18.79 17.10 16.13
CA PHE G 80 -18.44 16.53 17.43
C PHE G 80 -19.06 17.32 18.55
N LEU G 81 -19.48 16.62 19.59
CA LEU G 81 -20.01 17.25 20.79
C LEU G 81 -19.02 16.92 21.90
N GLN G 82 -18.29 17.95 22.34
CA GLN G 82 -17.31 17.76 23.40
C GLN G 82 -18.01 18.04 24.72
N MET G 83 -18.02 17.04 25.60
CA MET G 83 -18.73 17.11 26.88
C MET G 83 -17.70 17.15 27.99
N ASN G 84 -17.51 18.31 28.60
CA ASN G 84 -16.57 18.39 29.72
C ASN G 84 -17.31 18.45 31.04
N SER G 85 -16.58 18.15 32.11
CA SER G 85 -17.08 18.24 33.49
C SER G 85 -18.40 17.51 33.62
N LEU G 86 -18.44 16.28 33.12
CA LEU G 86 -19.69 15.56 33.14
C LEU G 86 -20.14 15.28 34.57
N LYS G 87 -21.43 15.33 34.77
CA LYS G 87 -22.04 15.10 36.05
C LYS G 87 -22.94 13.90 35.95
N PRO G 88 -23.21 13.23 37.06
CA PRO G 88 -24.14 12.12 37.01
C PRO G 88 -25.43 12.48 36.32
N GLU G 89 -25.94 13.72 36.42
CA GLU G 89 -27.28 13.65 35.87
C GLU G 89 -27.28 14.05 34.40
N ASP G 90 -26.12 13.92 33.73
CA ASP G 90 -25.94 13.82 32.29
C ASP G 90 -26.01 12.38 31.78
N THR G 91 -26.18 11.41 32.67
CA THR G 91 -26.30 10.02 32.25
C THR G 91 -27.61 9.83 31.51
N ALA G 92 -27.52 9.28 30.31
CA ALA G 92 -28.66 9.22 29.39
C ALA G 92 -28.18 8.52 28.13
N ILE G 93 -29.13 8.22 27.24
CA ILE G 93 -28.81 7.89 25.86
C ILE G 93 -28.86 9.18 25.04
N TYR G 94 -27.78 9.46 24.33
CA TYR G 94 -27.67 10.68 23.53
C TYR G 94 -27.98 10.34 22.09
N TYR G 95 -28.84 11.13 21.47
CA TYR G 95 -29.23 10.88 20.09
C TYR G 95 -28.79 12.03 19.21
N CYS G 96 -28.13 11.69 18.11
CA CYS G 96 -27.84 12.62 17.03
C CYS G 96 -29.06 12.72 16.10
N ALA G 97 -29.36 13.93 15.64
CA ALA G 97 -30.44 14.13 14.69
C ALA G 97 -30.08 15.20 13.67
N VAL G 98 -30.47 14.98 12.42
CA VAL G 98 -30.05 15.80 11.29
C VAL G 98 -31.29 16.13 10.46
N ALA G 99 -31.35 17.36 9.93
CA ALA G 99 -32.40 17.72 8.98
C ALA G 99 -31.80 18.70 7.99
N ALA G 100 -31.87 18.37 6.70
CA ALA G 100 -31.40 19.30 5.69
C ALA G 100 -32.16 20.62 5.76
N CYS G 101 -31.44 21.70 5.47
CA CYS G 101 -31.97 23.06 5.49
C CYS G 101 -31.40 23.81 4.30
N HIS G 102 -32.24 24.59 3.64
CA HIS G 102 -31.81 25.47 2.57
C HIS G 102 -31.61 26.88 3.13
N PHE G 103 -32.71 27.55 3.47
CA PHE G 103 -32.63 28.94 3.94
C PHE G 103 -32.04 29.04 5.33
N CYS G 104 -32.21 27.98 6.14
CA CYS G 104 -31.47 27.77 7.39
C CYS G 104 -31.70 28.90 8.41
N ASP G 105 -32.97 29.16 8.71
CA ASP G 105 -33.41 30.32 9.50
C ASP G 105 -33.33 30.10 11.01
N SER G 106 -33.54 28.89 11.52
CA SER G 106 -33.44 28.75 12.97
C SER G 106 -33.30 27.29 13.30
N LEU G 107 -32.37 27.00 14.19
CA LEU G 107 -32.10 25.63 14.59
C LEU G 107 -33.33 25.13 15.33
N PRO G 108 -33.95 24.05 14.89
CA PRO G 108 -35.13 23.55 15.60
C PRO G 108 -34.72 22.87 16.88
N LYS G 109 -35.52 23.08 17.92
CA LYS G 109 -35.26 22.47 19.21
C LYS G 109 -36.32 21.46 19.56
N THR G 110 -37.17 21.07 18.62
CA THR G 110 -38.20 20.10 18.87
C THR G 110 -37.86 18.83 18.12
N GLN G 111 -38.36 17.70 18.62
CA GLN G 111 -38.01 16.44 17.99
C GLN G 111 -38.59 16.37 16.59
N ASP G 112 -39.79 16.93 16.40
CA ASP G 112 -40.57 16.67 15.19
C ASP G 112 -40.03 17.36 13.96
N GLU G 113 -39.00 18.19 14.08
CA GLU G 113 -38.46 18.86 12.91
C GLU G 113 -37.23 18.18 12.34
N TYR G 114 -36.79 17.06 12.91
CA TYR G 114 -35.62 16.36 12.39
C TYR G 114 -36.04 15.10 11.66
N ILE G 115 -35.34 14.80 10.57
CA ILE G 115 -35.69 13.70 9.69
C ILE G 115 -34.90 12.43 9.99
N LEU G 116 -33.59 12.56 10.19
CA LEU G 116 -32.70 11.42 10.41
C LEU G 116 -32.30 11.32 11.87
N TRP G 117 -32.38 10.10 12.42
CA TRP G 117 -32.04 9.83 13.80
C TRP G 117 -31.14 8.61 13.87
N GLY G 118 -30.12 8.67 14.72
CA GLY G 118 -29.34 7.49 15.00
C GLY G 118 -30.07 6.67 16.05
N GLN G 119 -29.40 5.63 16.50
CA GLN G 119 -29.92 4.76 17.56
C GLN G 119 -29.27 5.02 18.91
N GLY G 120 -28.54 6.11 19.02
CA GLY G 120 -28.06 6.51 20.32
C GLY G 120 -26.84 5.83 20.88
N THR G 121 -26.03 6.57 21.63
CA THR G 121 -24.94 6.00 22.41
C THR G 121 -25.28 6.26 23.85
N GLN G 122 -25.00 5.29 24.71
CA GLN G 122 -25.25 5.51 26.10
C GLN G 122 -24.06 6.23 26.73
N VAL G 123 -24.36 7.19 27.59
CA VAL G 123 -23.37 7.90 28.39
C VAL G 123 -23.72 7.66 29.85
N THR G 124 -22.78 7.10 30.60
CA THR G 124 -22.94 6.80 32.01
C THR G 124 -21.83 7.50 32.78
N VAL G 125 -22.23 8.38 33.71
CA VAL G 125 -21.29 9.14 34.54
C VAL G 125 -21.37 8.62 35.97
N SER G 126 -20.22 8.33 36.56
CA SER G 126 -20.14 7.79 37.93
C SER G 126 -19.53 8.78 38.92
N GLN H 3 -15.85 -2.44 36.86
CA GLN H 3 -15.24 -1.34 37.60
C GLN H 3 -14.37 -0.48 36.69
N LEU H 4 -13.99 -1.01 35.54
CA LEU H 4 -13.27 -0.19 34.57
C LEU H 4 -14.24 0.74 33.84
N GLN H 5 -13.74 1.93 33.51
CA GLN H 5 -14.49 2.90 32.74
C GLN H 5 -13.98 2.85 31.30
N GLU H 6 -14.84 2.45 30.36
CA GLU H 6 -14.49 2.33 28.93
C GLU H 6 -15.40 3.22 28.10
N SER H 7 -14.86 3.83 27.06
CA SER H 7 -15.57 4.77 26.19
C SER H 7 -14.85 4.83 24.86
N GLY H 8 -15.51 5.44 23.86
CA GLY H 8 -14.95 5.59 22.53
C GLY H 8 -15.64 4.76 21.46
N GLY H 9 -16.13 3.57 21.81
CA GLY H 9 -16.90 2.76 20.88
C GLY H 9 -17.99 3.44 20.06
N GLY H 10 -18.62 2.68 19.17
CA GLY H 10 -19.66 3.19 18.30
C GLY H 10 -19.48 2.67 16.90
N SER H 11 -20.12 3.34 15.94
CA SER H 11 -20.06 2.93 14.54
C SER H 11 -19.30 3.92 13.67
N VAL H 12 -18.63 3.40 12.65
CA VAL H 12 -17.85 4.19 11.70
C VAL H 12 -17.95 3.54 10.33
N GLN H 13 -17.82 4.35 9.28
CA GLN H 13 -17.69 3.73 7.98
C GLN H 13 -16.29 3.14 7.83
N ALA H 14 -16.21 2.05 7.05
CA ALA H 14 -14.94 1.41 6.77
C ALA H 14 -13.89 2.44 6.42
N GLY H 15 -12.70 2.25 6.94
CA GLY H 15 -11.63 3.21 6.81
C GLY H 15 -11.59 4.27 7.86
N GLY H 16 -12.64 4.44 8.66
CA GLY H 16 -12.66 5.44 9.70
C GLY H 16 -11.82 5.07 10.90
N SER H 17 -12.00 5.84 11.97
CA SER H 17 -11.15 5.73 13.14
C SER H 17 -11.97 5.96 14.40
N LEU H 18 -11.49 5.39 15.49
CA LEU H 18 -12.04 5.57 16.82
C LEU H 18 -10.91 5.66 17.81
N ARG H 19 -11.24 6.20 18.99
CA ARG H 19 -10.29 6.24 20.10
C ARG H 19 -10.96 5.65 21.33
N LEU H 20 -10.57 4.42 21.69
CA LEU H 20 -11.12 3.75 22.86
C LEU H 20 -10.32 4.17 24.09
N SER H 21 -11.03 4.46 25.16
CA SER H 21 -10.39 4.92 26.37
C SER H 21 -10.65 3.91 27.48
N CYS H 22 -9.66 3.72 28.34
CA CYS H 22 -9.80 2.79 29.46
C CYS H 22 -9.16 3.36 30.72
N THR H 23 -9.92 3.35 31.81
CA THR H 23 -9.48 3.88 33.08
C THR H 23 -9.65 2.84 34.16
N ALA H 24 -8.59 2.65 34.96
CA ALA H 24 -8.64 1.68 36.06
C ALA H 24 -8.58 2.41 37.38
N PRO H 25 -9.71 2.69 38.01
CA PRO H 25 -9.69 3.49 39.24
C PRO H 25 -8.79 2.87 40.30
N GLY H 26 -8.04 3.72 41.00
CA GLY H 26 -7.16 3.21 42.05
C GLY H 26 -5.85 2.68 41.55
N TYR H 27 -5.60 2.72 40.26
CA TYR H 27 -4.30 2.21 39.77
C TYR H 27 -3.42 3.41 39.44
N THR H 28 -3.76 4.54 40.04
CA THR H 28 -2.99 5.78 39.79
C THR H 28 -1.52 5.61 40.17
N ASP H 29 -1.17 4.91 41.25
CA ASP H 29 0.28 4.79 41.56
C ASP H 29 0.70 3.35 41.85
N SER H 30 0.91 2.59 40.79
CA SER H 30 1.35 1.18 40.85
C SER H 30 1.40 0.75 39.40
N ASN H 31 2.29 -0.16 39.04
CA ASN H 31 2.37 -0.53 37.62
C ASN H 31 1.35 -1.61 37.30
N TYR H 32 1.06 -1.79 36.03
CA TYR H 32 0.08 -2.82 35.69
C TYR H 32 0.12 -3.12 34.21
N TYR H 33 -0.48 -4.25 33.87
CA TYR H 33 -0.69 -4.58 32.47
C TYR H 33 -2.09 -4.13 32.09
N MET H 34 -2.23 -3.52 30.92
CA MET H 34 -3.56 -3.26 30.41
C MET H 34 -3.64 -3.69 28.96
N SER H 35 -4.61 -4.53 28.63
CA SER H 35 -4.75 -5.07 27.29
C SER H 35 -6.17 -4.87 26.81
N TRP H 36 -6.33 -4.88 25.48
CA TRP H 36 -7.63 -4.92 24.84
C TRP H 36 -7.81 -6.30 24.22
N PHE H 37 -8.94 -6.92 24.51
CA PHE H 37 -9.35 -8.14 23.84
C PHE H 37 -10.59 -7.81 23.04
N ARG H 38 -10.88 -8.65 22.05
CA ARG H 38 -12.11 -8.41 21.32
C ARG H 38 -12.80 -9.74 21.07
N GLN H 39 -14.14 -9.70 20.97
CA GLN H 39 -14.89 -10.91 20.67
C GLN H 39 -16.02 -10.58 19.72
N ALA H 40 -16.04 -11.23 18.63
CA ALA H 40 -17.24 -11.09 17.83
C ALA H 40 -18.19 -12.27 18.09
N PRO H 41 -19.48 -12.05 17.92
CA PRO H 41 -20.46 -13.11 18.20
C PRO H 41 -20.20 -14.44 17.50
N GLY H 42 -19.65 -15.41 18.22
CA GLY H 42 -19.55 -16.74 17.67
C GLY H 42 -18.13 -17.22 17.76
N LYS H 43 -17.28 -16.32 18.24
CA LYS H 43 -15.86 -16.54 18.21
C LYS H 43 -15.23 -16.29 19.57
N GLU H 44 -13.98 -16.69 19.59
CA GLU H 44 -12.94 -16.58 20.58
C GLU H 44 -12.78 -15.10 20.98
N ARG H 45 -12.37 -14.86 22.23
CA ARG H 45 -12.05 -13.50 22.66
C ARG H 45 -10.54 -13.38 22.52
N GLU H 46 -10.13 -12.68 21.47
CA GLU H 46 -8.73 -12.60 21.08
C GLU H 46 -8.07 -11.33 21.62
N TRP H 47 -6.81 -11.49 22.00
CA TRP H 47 -5.95 -10.39 22.37
C TRP H 47 -5.66 -9.47 21.16
N VAL H 48 -5.77 -8.16 21.38
CA VAL H 48 -5.54 -7.16 20.33
C VAL H 48 -4.23 -6.40 20.56
N ALA H 49 -4.05 -5.86 21.75
CA ALA H 49 -2.94 -4.95 22.02
C ALA H 49 -2.82 -4.77 23.52
N GLY H 50 -1.61 -4.41 23.97
CA GLY H 50 -1.44 -4.20 25.39
C GLY H 50 -0.23 -3.37 25.72
N VAL H 51 -0.24 -2.83 26.92
CA VAL H 51 0.86 -2.03 27.40
C VAL H 51 1.29 -2.55 28.77
N ASN H 52 2.60 -2.57 28.97
CA ASN H 52 3.22 -2.92 30.23
C ASN H 52 3.67 -1.59 30.83
N THR H 53 2.90 -1.10 31.81
CA THR H 53 3.18 0.19 32.42
C THR H 53 4.54 0.20 33.11
N GLY H 54 4.91 -0.91 33.75
CA GLY H 54 6.19 -0.98 34.44
C GLY H 54 7.37 -0.74 33.51
N ARG H 55 7.36 -1.39 32.35
CA ARG H 55 8.47 -1.28 31.40
C ARG H 55 8.23 -0.27 30.28
N GLY H 56 7.01 0.23 30.12
CA GLY H 56 6.74 1.21 29.08
C GLY H 56 6.54 0.65 27.69
N SER H 57 6.50 -0.66 27.53
CA SER H 57 6.45 -1.27 26.21
C SER H 57 5.01 -1.58 25.83
N THR H 58 4.75 -1.63 24.54
CA THR H 58 3.44 -1.97 23.98
C THR H 58 3.62 -3.12 22.97
N SER H 59 2.56 -3.88 22.80
CA SER H 59 2.54 -5.00 21.86
C SER H 59 1.22 -5.03 21.13
N TYR H 60 1.23 -5.65 19.95
CA TYR H 60 0.08 -5.69 19.06
C TYR H 60 -0.02 -7.04 18.38
N ALA H 61 -1.24 -7.51 18.21
CA ALA H 61 -1.49 -8.65 17.34
C ALA H 61 -1.19 -8.23 15.90
N ASP H 62 -0.77 -9.20 15.07
CA ASP H 62 -0.36 -8.89 13.70
C ASP H 62 -1.49 -8.28 12.86
N SER H 63 -2.73 -8.66 13.12
CA SER H 63 -3.83 -8.12 12.34
C SER H 63 -4.06 -6.63 12.58
N VAL H 64 -3.48 -6.06 13.64
CA VAL H 64 -3.67 -4.67 13.98
C VAL H 64 -2.37 -3.88 13.99
N LYS H 65 -1.23 -4.52 13.75
CA LYS H 65 0.05 -3.84 13.89
C LYS H 65 0.09 -2.74 12.84
N GLY H 66 0.47 -1.54 13.26
CA GLY H 66 0.52 -0.40 12.36
C GLY H 66 -0.75 0.42 12.27
N ARG H 67 -1.90 -0.13 12.64
CA ARG H 67 -3.12 0.68 12.62
C ARG H 67 -3.65 1.00 14.00
N PHE H 68 -3.29 0.23 15.00
CA PHE H 68 -3.74 0.49 16.35
C PHE H 68 -2.52 0.95 17.13
N THR H 69 -2.68 2.03 17.87
CA THR H 69 -1.60 2.54 18.72
C THR H 69 -2.16 2.79 20.11
N ILE H 70 -1.39 2.36 21.12
CA ILE H 70 -1.73 2.62 22.52
C ILE H 70 -1.00 3.89 22.95
N SER H 71 -1.69 4.72 23.74
CA SER H 71 -1.10 5.95 24.24
C SER H 71 -1.52 6.17 25.69
N GLN H 72 -0.64 6.78 26.48
CA GLN H 72 -0.99 7.21 27.82
C GLN H 72 -1.84 8.49 27.76
N ASP H 73 -2.41 8.86 28.91
CA ASP H 73 -3.09 10.12 29.16
C ASP H 73 -2.25 10.90 30.16
N ASN H 74 -2.63 12.15 30.49
CA ASN H 74 -1.93 12.78 31.62
C ASN H 74 -2.08 11.92 32.89
N ALA H 75 -3.29 11.41 33.16
CA ALA H 75 -3.51 10.51 34.29
C ALA H 75 -2.90 9.14 34.02
N LYS H 76 -2.17 8.62 35.02
CA LYS H 76 -1.46 7.36 34.93
C LYS H 76 -2.43 6.17 35.01
N ASN H 77 -3.71 6.49 35.16
CA ASN H 77 -4.85 5.62 35.35
C ASN H 77 -5.53 5.23 34.05
N THR H 78 -5.23 5.93 32.97
CA THR H 78 -5.96 5.80 31.73
C THR H 78 -5.01 5.46 30.60
N MET H 79 -5.49 4.66 29.66
CA MET H 79 -4.78 4.48 28.41
C MET H 79 -5.78 4.59 27.28
N PHE H 80 -5.28 4.89 26.10
CA PHE H 80 -6.09 5.04 24.92
C PHE H 80 -5.60 4.03 23.91
N LEU H 81 -6.55 3.49 23.16
CA LEU H 81 -6.24 2.67 22.02
C LEU H 81 -6.79 3.45 20.85
N GLN H 82 -5.89 4.01 20.05
CA GLN H 82 -6.26 4.74 18.86
C GLN H 82 -6.31 3.72 17.73
N MET H 83 -7.47 3.59 17.09
CA MET H 83 -7.64 2.62 16.02
C MET H 83 -7.94 3.36 14.72
N ASN H 84 -6.98 3.34 13.82
CA ASN H 84 -7.10 3.96 12.51
C ASN H 84 -7.34 2.91 11.46
N SER H 85 -7.86 3.35 10.32
CA SER H 85 -8.03 2.50 9.17
C SER H 85 -8.83 1.25 9.52
N LEU H 86 -9.98 1.45 10.15
CA LEU H 86 -10.77 0.29 10.55
C LEU H 86 -11.30 -0.47 9.33
N LYS H 87 -11.43 -1.78 9.50
CA LYS H 87 -11.94 -2.69 8.49
C LYS H 87 -13.16 -3.40 9.04
N PRO H 88 -14.06 -3.87 8.18
CA PRO H 88 -15.23 -4.64 8.68
C PRO H 88 -14.84 -5.79 9.61
N GLU H 89 -13.73 -6.47 9.31
CA GLU H 89 -13.09 -7.46 10.18
C GLU H 89 -12.97 -7.02 11.64
N ASP H 90 -12.88 -5.72 11.91
CA ASP H 90 -12.65 -5.25 13.29
C ASP H 90 -13.93 -5.13 14.11
N THR H 91 -15.09 -5.40 13.53
CA THR H 91 -16.35 -5.35 14.28
C THR H 91 -16.40 -6.42 15.37
N ALA H 92 -16.69 -6.02 16.60
CA ALA H 92 -16.60 -6.85 17.79
C ALA H 92 -17.00 -6.01 19.00
N GLN H 93 -17.20 -6.68 20.14
CA GLN H 93 -17.04 -6.00 21.41
C GLN H 93 -15.57 -5.93 21.77
N TYR H 94 -15.13 -4.75 22.17
CA TYR H 94 -13.75 -4.60 22.63
C TYR H 94 -13.80 -4.57 24.14
N TYR H 95 -12.96 -5.33 24.80
CA TYR H 95 -13.00 -5.33 26.26
C TYR H 95 -11.65 -4.93 26.80
N CYS H 96 -11.63 -4.01 27.75
CA CYS H 96 -10.42 -3.65 28.47
C CYS H 96 -10.20 -4.63 29.62
N ALA H 97 -8.93 -4.98 29.85
CA ALA H 97 -8.57 -5.87 30.95
C ALA H 97 -7.28 -5.37 31.59
N VAL H 98 -7.22 -5.43 32.91
CA VAL H 98 -6.12 -4.86 33.66
C VAL H 98 -5.69 -5.87 34.72
N ALA H 99 -4.39 -5.94 34.96
CA ALA H 99 -3.84 -6.72 36.07
C ALA H 99 -2.69 -5.94 36.68
N ALA H 100 -2.75 -5.73 38.00
CA ALA H 100 -1.65 -5.10 38.71
C ALA H 100 -0.36 -5.89 38.56
N CYS H 101 0.71 -5.16 38.44
CA CYS H 101 2.03 -5.64 38.06
C CYS H 101 3.09 -5.20 39.08
N HIS H 102 4.08 -6.05 39.33
CA HIS H 102 5.15 -5.67 40.27
C HIS H 102 6.48 -5.66 39.55
N PHE H 103 6.96 -6.85 39.16
CA PHE H 103 8.18 -6.98 38.38
C PHE H 103 7.96 -6.69 36.91
N CYS H 104 6.75 -6.92 36.42
CA CYS H 104 6.38 -6.44 35.09
C CYS H 104 7.24 -7.05 33.99
N ASP H 105 7.32 -8.39 34.00
CA ASP H 105 8.33 -9.04 33.15
C ASP H 105 7.85 -9.24 31.72
N SER H 106 6.56 -9.52 31.53
CA SER H 106 6.08 -9.78 30.18
C SER H 106 4.57 -9.62 30.15
N LEU H 107 4.09 -8.95 29.12
CA LEU H 107 2.68 -8.67 28.99
C LEU H 107 1.93 -9.96 28.76
N PRO H 108 0.96 -10.31 29.58
CA PRO H 108 0.19 -11.54 29.34
C PRO H 108 -0.75 -11.34 28.16
N LYS H 109 -0.86 -12.38 27.33
CA LYS H 109 -1.72 -12.30 26.15
C LYS H 109 -2.88 -13.29 26.20
N THR H 110 -3.14 -13.90 27.34
CA THR H 110 -4.27 -14.80 27.52
C THR H 110 -5.25 -14.18 28.50
N GLN H 111 -6.50 -14.60 28.42
CA GLN H 111 -7.57 -14.00 29.23
C GLN H 111 -7.36 -14.29 30.71
N ASP H 112 -6.88 -15.47 31.03
CA ASP H 112 -6.92 -15.95 32.41
C ASP H 112 -5.94 -15.22 33.31
N GLU H 113 -5.13 -14.33 32.77
CA GLU H 113 -4.16 -13.64 33.61
C GLU H 113 -4.59 -12.22 33.99
N TYR H 114 -5.78 -11.77 33.59
CA TYR H 114 -6.27 -10.45 33.93
C TYR H 114 -7.38 -10.49 34.98
N ILE H 115 -7.36 -9.52 35.88
CA ILE H 115 -8.25 -9.49 37.06
C ILE H 115 -9.48 -8.62 36.84
N LEU H 116 -9.33 -7.44 36.24
CA LEU H 116 -10.44 -6.51 36.03
C LEU H 116 -10.86 -6.47 34.56
N TRP H 117 -12.18 -6.50 34.32
CA TRP H 117 -12.73 -6.52 32.96
C TRP H 117 -13.84 -5.47 32.80
N GLY H 118 -14.21 -5.21 31.53
CA GLY H 118 -15.20 -4.18 31.10
C GLY H 118 -16.08 -4.61 29.93
N GLN H 119 -16.27 -3.79 28.83
CA GLN H 119 -17.12 -4.11 27.62
C GLN H 119 -17.55 -2.92 26.67
N GLY H 120 -17.19 -2.89 25.36
CA GLY H 120 -17.56 -1.81 24.39
C GLY H 120 -17.63 -2.20 22.89
N THR H 121 -18.59 -1.72 22.08
CA THR H 121 -18.73 -2.27 20.72
C THR H 121 -18.36 -1.30 19.60
N GLN H 122 -17.54 -1.78 18.65
CA GLN H 122 -17.29 -1.08 17.38
C GLN H 122 -18.05 -1.81 16.31
N VAL H 123 -18.78 -1.06 15.49
CA VAL H 123 -19.44 -1.59 14.32
C VAL H 123 -18.93 -0.77 13.16
N THR H 124 -18.33 -1.44 12.18
CA THR H 124 -17.84 -0.73 11.00
C THR H 124 -18.53 -1.32 9.79
N VAL H 125 -19.28 -0.48 9.07
CA VAL H 125 -19.98 -0.85 7.84
C VAL H 125 -19.01 -1.10 6.69
N SER H 126 -19.57 -1.29 5.49
CA SER H 126 -18.76 -1.50 4.29
C SER H 126 -18.97 -0.35 3.31
S SO4 I . 1.72 -10.10 -43.17
O1 SO4 I . 2.23 -9.76 -44.50
O2 SO4 I . 0.80 -9.05 -42.73
O3 SO4 I . 2.85 -10.22 -42.24
O4 SO4 I . 1.02 -11.38 -43.21
S SO4 J . -1.34 1.09 -43.88
O1 SO4 J . -2.72 0.74 -44.20
O2 SO4 J . -1.09 2.46 -44.37
O3 SO4 J . -1.18 1.11 -42.44
O4 SO4 J . -0.38 0.15 -44.48
S SO4 K . 10.50 -30.57 -44.94
O1 SO4 K . 9.61 -29.79 -44.06
O2 SO4 K . 9.75 -31.04 -46.11
O3 SO4 K . 11.61 -29.74 -45.41
O4 SO4 K . 11.04 -31.70 -44.18
S SO4 L . 14.50 -41.67 -42.67
O1 SO4 L . 15.58 -40.73 -42.46
O2 SO4 L . 13.28 -40.91 -43.02
O3 SO4 L . 14.33 -42.45 -41.44
O4 SO4 L . 14.86 -42.60 -43.73
S SO4 M . -7.41 -4.91 3.43
O1 SO4 M . -8.33 -5.81 4.11
O2 SO4 M . -8.09 -3.61 3.31
O3 SO4 M . -7.09 -5.40 2.09
O4 SO4 M . -6.15 -4.82 4.18
S SO4 N . 3.43 -7.47 2.31
O1 SO4 N . 2.09 -6.95 2.06
O2 SO4 N . 4.34 -6.33 2.44
O3 SO4 N . 3.41 -8.25 3.55
O4 SO4 N . 3.89 -8.33 1.22
S SO4 O . -5.16 -22.56 5.82
O1 SO4 O . -6.20 -21.64 5.37
O2 SO4 O . -4.59 -22.05 7.08
O3 SO4 O . -4.08 -22.65 4.82
O4 SO4 O . -5.79 -23.85 6.05
S SO4 P . -13.58 41.88 41.79
O1 SO4 P . -13.26 42.71 42.96
O2 SO4 P . -14.74 42.42 41.06
O3 SO4 P . -13.90 40.54 42.27
O4 SO4 P . -12.42 41.84 40.91
S SO4 Q . 6.72 5.36 -3.49
O1 SO4 Q . 5.38 5.88 -3.18
O2 SO4 Q . 7.71 6.40 -3.23
O3 SO4 Q . 7.05 4.22 -2.65
O4 SO4 Q . 6.72 5.03 -4.93
S SO4 R . 5.25 1.45 6.56
O1 SO4 R . 4.76 2.80 6.25
O2 SO4 R . 4.33 0.81 7.50
O3 SO4 R . 6.57 1.52 7.19
O4 SO4 R . 5.33 0.70 5.32
S SO4 S . 18.24 13.45 7.62
O1 SO4 S . 18.88 14.68 8.09
O2 SO4 S . 16.88 13.39 8.19
O3 SO4 S . 19.00 12.29 8.09
O4 SO4 S . 18.18 13.45 6.15
S SO4 T . 3.82 29.30 15.97
O1 SO4 T . 3.29 30.61 16.35
O2 SO4 T . 3.40 28.99 14.59
O3 SO4 T . 5.29 29.34 16.05
O4 SO4 T . 3.30 28.23 16.84
S SO4 U . 24.12 -14.92 4.65
O1 SO4 U . 24.31 -13.78 5.56
O2 SO4 U . 22.85 -14.78 3.92
O3 SO4 U . 24.13 -16.15 5.43
O4 SO4 U . 25.20 -14.97 3.68
S SO4 V . 32.74 -0.10 -0.32
O1 SO4 V . 31.33 -0.09 -0.76
O2 SO4 V . 33.41 1.13 -0.77
O3 SO4 V . 32.76 -0.21 1.14
O4 SO4 V . 33.43 -1.26 -0.90
S SO4 W . 34.83 -18.41 2.77
O1 SO4 W . 34.17 -17.88 3.97
O2 SO4 W . 33.90 -18.18 1.66
O3 SO4 W . 36.13 -17.76 2.54
O4 SO4 W . 35.13 -19.84 2.86
S SO4 X . -35.41 25.50 5.00
O1 SO4 X . -35.92 26.12 3.77
O2 SO4 X . -35.67 26.30 6.20
O3 SO4 X . -33.96 25.39 4.88
O4 SO4 X . -35.99 24.17 5.08
S SO4 Y . -41.08 17.61 21.08
O1 SO4 Y . -41.68 18.81 21.68
O2 SO4 Y . -41.40 17.58 19.66
O3 SO4 Y . -39.63 17.65 21.27
O4 SO4 Y . -41.65 16.42 21.74
S SO4 Z . -29.94 29.80 15.02
O1 SO4 Z . -31.20 29.37 15.65
O2 SO4 Z . -30.03 31.24 14.73
O3 SO4 Z . -28.85 29.50 15.96
O4 SO4 Z . -29.71 29.09 13.76
S SO4 AA . 4.44 -9.72 38.49
O1 SO4 AA . 5.43 -8.98 39.28
O2 SO4 AA . 3.25 -8.88 38.34
O3 SO4 AA . 4.98 -10.06 37.16
O4 SO4 AA . 4.09 -10.89 39.26
S SO4 BA . 4.88 -5.95 18.71
O1 SO4 BA . 3.43 -5.65 18.74
O2 SO4 BA . 5.61 -4.72 18.35
O3 SO4 BA . 5.15 -6.97 17.69
O4 SO4 BA . 5.30 -6.44 20.02
S SO4 CA . 4.26 -0.98 41.88
O1 SO4 CA . 2.93 -0.95 41.33
O2 SO4 CA . 4.76 0.39 41.86
O3 SO4 CA . 4.19 -1.44 43.26
O4 SO4 CA . 5.13 -1.78 41.04
#